data_1LDC
#
_entry.id   1LDC
#
_cell.length_a   164.500
_cell.length_b   164.500
_cell.length_c   114.000
_cell.angle_alpha   90.00
_cell.angle_beta   90.00
_cell.angle_gamma   120.00
#
_symmetry.space_group_name_H-M   'P 32 2 1'
#
loop_
_entity.id
_entity.type
_entity.pdbx_description
1 polymer 'L-LACTATE DEHYDROGENASE'
2 non-polymer 'FLAVIN MONONUCLEOTIDE'
3 non-polymer 'PROTOPORPHYRIN IX CONTAINING FE'
4 non-polymer 'PYRUVIC ACID'
5 water water
#
_entity_poly.entity_id   1
_entity_poly.type   'polypeptide(L)'
_entity_poly.pdbx_seq_one_letter_code
;EPKLDMNKQKISPAEVAKHNKPDDCWVVINGYVYDLTRFLPNHPGGQDVIKFNAGKDVTAIFEPLHAPNVIDKYIAPEKK
LGPLQGSMPPELVCPPYAPGETKEDIARKEQLKSLLPPLDNIINLYDFEYLASQTLTKQAWAFYSSGANDEVTHRENHNA
YHRIFFKPKILVDVRKVDISTDMLGSHVDVPFYVSATALCKLGNPLEGEKDVARGCGQGVTKVPQMISTLASCSPEEIIE
AAPSDKQIQWYQLYVNSDRKITDDLVKNVEKLGVKALFVTVDAPSLGQREKDMKLKFSNTKAGPKAMKKTNVEESQGASR
ALSKFIDPSLTWKDIEELKKKTKLPIVIKGVQRTEDVIKAAEIGVSGVVLSNHGGRQLDFSRAPIEVLAETMPILEQRNL
KDKLEVFVDGGVRRGTDVLKALCLGAKGVGLGRPFLYANSCYGRNGVEKAIEILRDEIEMSMRLLGVTSIAELKPDLLDL
STLKARTVGVPNDVLYNEVYEGPTLTEFEDA
;
_entity_poly.pdbx_strand_id   A,B
#
loop_
_chem_comp.id
_chem_comp.type
_chem_comp.name
_chem_comp.formula
FMN non-polymer 'FLAVIN MONONUCLEOTIDE' 'C17 H21 N4 O9 P'
HEM non-polymer 'PROTOPORPHYRIN IX CONTAINING FE' 'C34 H32 Fe N4 O4'
PYR non-polymer 'PYRUVIC ACID' 'C3 H4 O3'
#
# COMPACT_ATOMS: atom_id res chain seq x y z
N LYS A 10 18.89 -2.93 -56.57
CA LYS A 10 17.60 -2.34 -56.84
C LYS A 10 16.62 -3.51 -56.91
N ILE A 11 15.35 -3.14 -56.98
CA ILE A 11 14.13 -3.93 -57.12
C ILE A 11 13.11 -2.77 -57.21
N SER A 12 12.02 -2.95 -57.93
CA SER A 12 11.13 -1.83 -58.15
C SER A 12 9.78 -1.75 -57.40
N PRO A 13 9.31 -0.53 -57.08
CA PRO A 13 8.12 -0.26 -56.24
C PRO A 13 6.83 -1.01 -56.51
N ALA A 14 6.06 -0.74 -57.55
CA ALA A 14 4.78 -1.41 -57.68
C ALA A 14 4.91 -2.93 -57.77
N GLU A 15 5.99 -3.48 -58.34
CA GLU A 15 6.17 -4.92 -58.42
C GLU A 15 6.27 -5.44 -56.97
N VAL A 16 6.91 -4.65 -56.07
CA VAL A 16 6.88 -4.93 -54.64
C VAL A 16 5.46 -4.75 -54.11
N ALA A 17 4.86 -3.53 -54.19
CA ALA A 17 3.56 -3.14 -53.62
C ALA A 17 2.44 -4.13 -53.88
N LYS A 18 2.57 -4.62 -55.12
CA LYS A 18 1.82 -5.71 -55.73
C LYS A 18 1.37 -6.76 -54.74
N HIS A 19 2.31 -7.02 -53.81
CA HIS A 19 2.27 -8.08 -52.81
C HIS A 19 1.55 -7.68 -51.55
N ASN A 20 0.49 -6.99 -51.84
CA ASN A 20 -0.32 -6.37 -50.83
C ASN A 20 -1.41 -7.37 -50.42
N LYS A 21 -0.97 -8.52 -49.92
CA LYS A 21 -1.89 -9.57 -49.51
C LYS A 21 -1.51 -10.22 -48.16
N PRO A 22 -2.45 -10.68 -47.33
CA PRO A 22 -2.20 -11.79 -46.40
C PRO A 22 -1.59 -12.97 -47.16
N ASP A 23 -1.11 -13.85 -46.28
CA ASP A 23 -0.38 -15.02 -46.74
C ASP A 23 0.79 -14.50 -47.57
N ASP A 24 0.67 -14.39 -48.91
CA ASP A 24 1.80 -13.96 -49.69
C ASP A 24 1.64 -12.45 -49.58
N CYS A 25 2.57 -12.07 -48.66
CA CYS A 25 2.85 -10.72 -48.14
C CYS A 25 4.30 -10.23 -48.32
N TRP A 26 4.60 -9.04 -48.89
CA TRP A 26 5.98 -8.49 -48.91
C TRP A 26 5.91 -7.16 -48.17
N VAL A 27 7.03 -6.59 -47.71
CA VAL A 27 6.99 -5.28 -47.04
C VAL A 27 8.34 -4.57 -47.13
N VAL A 28 8.31 -3.23 -47.09
CA VAL A 28 9.53 -2.42 -47.08
C VAL A 28 9.76 -1.96 -45.66
N ILE A 29 10.99 -2.16 -45.19
CA ILE A 29 11.39 -1.64 -43.89
C ILE A 29 12.80 -1.09 -44.07
N ASN A 30 12.84 0.25 -44.16
CA ASN A 30 14.06 1.04 -44.21
C ASN A 30 15.00 0.76 -45.36
N GLY A 31 14.42 0.63 -46.55
CA GLY A 31 15.24 0.52 -47.75
C GLY A 31 15.35 -0.88 -48.36
N TYR A 32 15.33 -1.89 -47.53
CA TYR A 32 15.33 -3.24 -48.02
C TYR A 32 13.91 -3.79 -48.05
N VAL A 33 13.73 -4.80 -48.89
CA VAL A 33 12.42 -5.38 -49.10
C VAL A 33 12.48 -6.77 -48.50
N TYR A 34 11.46 -7.25 -47.78
CA TYR A 34 11.52 -8.58 -47.18
C TYR A 34 10.19 -9.19 -47.56
N ASP A 35 10.31 -10.47 -47.89
CA ASP A 35 9.11 -11.24 -48.15
C ASP A 35 8.62 -11.61 -46.75
N LEU A 36 7.47 -11.10 -46.33
CA LEU A 36 7.06 -11.41 -44.98
C LEU A 36 5.89 -12.37 -44.95
N THR A 37 5.80 -13.21 -45.99
CA THR A 37 4.77 -14.22 -46.06
C THR A 37 4.86 -15.19 -44.88
N ARG A 38 5.82 -16.12 -44.81
CA ARG A 38 5.98 -17.09 -43.71
C ARG A 38 5.96 -16.48 -42.29
N PHE A 39 6.63 -15.30 -42.18
CA PHE A 39 6.69 -14.59 -40.93
C PHE A 39 5.34 -14.10 -40.46
N LEU A 40 4.45 -13.53 -41.29
CA LEU A 40 3.18 -12.96 -40.83
C LEU A 40 2.50 -13.77 -39.72
N PRO A 41 2.11 -15.04 -39.84
CA PRO A 41 1.37 -15.74 -38.81
C PRO A 41 2.18 -16.09 -37.54
N ASN A 42 3.43 -15.65 -37.42
CA ASN A 42 4.26 -15.96 -36.27
C ASN A 42 4.78 -14.72 -35.57
N HIS A 43 4.38 -13.55 -36.05
CA HIS A 43 4.78 -12.30 -35.45
C HIS A 43 4.34 -12.25 -33.99
N PRO A 44 5.16 -11.91 -32.97
CA PRO A 44 4.77 -11.90 -31.56
C PRO A 44 3.44 -11.25 -31.20
N GLY A 45 3.14 -10.02 -31.64
CA GLY A 45 1.89 -9.37 -31.26
C GLY A 45 0.75 -9.56 -32.26
N GLY A 46 0.70 -10.77 -32.82
CA GLY A 46 -0.31 -11.11 -33.81
C GLY A 46 0.05 -10.49 -35.15
N GLN A 47 -0.30 -11.27 -36.15
CA GLN A 47 -0.08 -10.91 -37.53
C GLN A 47 -0.87 -9.74 -38.06
N ASP A 48 -1.94 -9.26 -37.42
CA ASP A 48 -2.81 -8.24 -37.99
C ASP A 48 -2.05 -6.99 -38.29
N VAL A 49 -1.18 -6.55 -37.38
CA VAL A 49 -0.41 -5.32 -37.56
C VAL A 49 0.40 -5.42 -38.85
N ILE A 50 1.09 -6.52 -39.14
CA ILE A 50 1.82 -6.63 -40.39
C ILE A 50 0.79 -6.61 -41.50
N LYS A 51 -0.25 -7.43 -41.36
CA LYS A 51 -1.29 -7.61 -42.35
C LYS A 51 -1.93 -6.35 -42.86
N PHE A 52 -2.41 -5.50 -41.95
CA PHE A 52 -3.03 -4.25 -42.31
C PHE A 52 -2.03 -3.31 -43.00
N ASN A 53 -0.71 -3.49 -42.91
CA ASN A 53 0.23 -2.63 -43.61
C ASN A 53 1.18 -3.42 -44.50
N ALA A 54 0.84 -4.57 -45.09
CA ALA A 54 1.79 -5.27 -45.98
C ALA A 54 1.71 -4.72 -47.39
N GLY A 55 2.79 -4.81 -48.14
CA GLY A 55 2.89 -4.24 -49.47
C GLY A 55 3.42 -2.80 -49.41
N LYS A 56 3.17 -2.10 -48.29
CA LYS A 56 3.64 -0.75 -48.02
C LYS A 56 5.09 -0.71 -47.49
N ASP A 57 5.48 0.54 -47.20
CA ASP A 57 6.71 0.86 -46.54
C ASP A 57 6.16 0.97 -45.14
N VAL A 58 6.45 -0.05 -44.35
CA VAL A 58 5.95 -0.04 -43.02
C VAL A 58 6.94 0.41 -41.97
N THR A 59 8.15 0.85 -42.35
CA THR A 59 9.21 1.37 -41.46
C THR A 59 8.79 2.20 -40.24
N ALA A 60 7.82 3.09 -40.39
CA ALA A 60 7.35 3.92 -39.29
C ALA A 60 6.96 3.26 -38.00
N ILE A 61 6.36 2.10 -38.24
CA ILE A 61 5.85 1.18 -37.23
C ILE A 61 7.04 0.38 -36.69
N PHE A 62 7.86 -0.14 -37.62
CA PHE A 62 8.96 -1.00 -37.25
C PHE A 62 10.10 -0.24 -36.63
N GLU A 63 10.78 0.70 -37.28
CA GLU A 63 12.01 1.23 -36.73
C GLU A 63 12.01 1.74 -35.28
N PRO A 64 11.02 2.44 -34.68
CA PRO A 64 11.01 2.84 -33.27
C PRO A 64 10.53 1.79 -32.31
N LEU A 65 10.23 0.61 -32.75
CA LEU A 65 9.60 -0.36 -31.89
C LEU A 65 10.26 -1.72 -31.84
N HIS A 66 11.54 -1.88 -32.28
CA HIS A 66 12.14 -3.21 -32.35
C HIS A 66 13.57 -3.35 -31.95
N ALA A 67 13.84 -4.39 -31.15
CA ALA A 67 15.16 -4.74 -30.69
C ALA A 67 16.04 -4.86 -31.90
N PRO A 68 16.90 -3.86 -32.22
CA PRO A 68 17.40 -3.56 -33.57
C PRO A 68 17.75 -4.81 -34.42
N ASN A 69 18.63 -5.58 -33.80
CA ASN A 69 19.05 -6.89 -34.23
C ASN A 69 17.97 -7.85 -34.76
N VAL A 70 16.67 -7.70 -34.50
CA VAL A 70 15.70 -8.71 -34.84
C VAL A 70 15.57 -9.17 -36.29
N ILE A 71 15.66 -8.34 -37.34
CA ILE A 71 15.46 -8.86 -38.69
C ILE A 71 16.58 -9.85 -39.01
N ASP A 72 17.78 -9.37 -38.80
CA ASP A 72 18.97 -10.15 -39.08
C ASP A 72 19.05 -11.35 -38.14
N LYS A 73 18.26 -11.40 -37.06
CA LYS A 73 18.31 -12.47 -36.10
C LYS A 73 17.18 -13.48 -36.27
N TYR A 74 16.03 -13.12 -36.84
CA TYR A 74 14.89 -14.03 -36.97
C TYR A 74 14.45 -14.29 -38.41
N ILE A 75 14.62 -13.28 -39.28
CA ILE A 75 14.26 -13.36 -40.67
C ILE A 75 15.40 -14.05 -41.42
N ALA A 76 15.07 -15.25 -41.86
CA ALA A 76 16.00 -16.06 -42.62
C ALA A 76 16.36 -15.33 -43.91
N PRO A 77 17.64 -15.36 -44.30
CA PRO A 77 18.23 -14.44 -45.22
C PRO A 77 17.63 -14.57 -46.58
N GLU A 78 17.08 -15.74 -46.92
CA GLU A 78 16.53 -15.86 -48.25
C GLU A 78 15.17 -15.17 -48.40
N LYS A 79 14.68 -14.59 -47.30
CA LYS A 79 13.51 -13.75 -47.32
C LYS A 79 13.89 -12.27 -47.26
N LYS A 80 15.19 -12.01 -47.02
CA LYS A 80 15.76 -10.67 -46.94
C LYS A 80 16.03 -10.13 -48.37
N LEU A 81 15.00 -9.62 -49.05
CA LEU A 81 15.14 -9.14 -50.41
C LEU A 81 15.81 -7.76 -50.49
N GLY A 82 16.52 -7.62 -51.61
CA GLY A 82 17.27 -6.43 -51.97
C GLY A 82 16.51 -5.08 -52.07
N PRO A 83 17.27 -4.00 -52.22
CA PRO A 83 16.80 -2.61 -52.14
C PRO A 83 15.71 -2.09 -53.07
N LEU A 84 14.75 -1.48 -52.39
CA LEU A 84 13.65 -0.78 -53.02
C LEU A 84 14.17 0.60 -53.40
N GLN A 85 13.89 0.85 -54.69
CA GLN A 85 14.20 2.12 -55.35
C GLN A 85 13.52 3.36 -54.74
N GLY A 86 14.31 3.90 -53.81
CA GLY A 86 13.97 5.13 -53.14
C GLY A 86 12.74 4.90 -52.32
N SER A 87 11.61 5.30 -52.92
CA SER A 87 10.42 5.33 -52.11
C SER A 87 9.16 4.74 -52.67
N MET A 88 8.43 4.25 -51.65
CA MET A 88 7.06 3.84 -51.84
C MET A 88 6.28 5.15 -51.95
N PRO A 89 5.43 5.25 -52.97
CA PRO A 89 4.63 6.44 -53.25
C PRO A 89 3.74 6.92 -52.10
N PRO A 90 3.57 8.25 -51.96
CA PRO A 90 2.83 8.92 -50.89
C PRO A 90 2.00 8.16 -49.85
N GLU A 91 0.88 7.50 -50.17
CA GLU A 91 0.19 6.77 -49.11
C GLU A 91 0.65 5.32 -49.00
N LEU A 92 1.91 5.06 -49.35
CA LEU A 92 2.50 3.76 -49.20
C LEU A 92 3.64 3.81 -48.21
N VAL A 93 3.70 4.86 -47.37
CA VAL A 93 4.69 5.00 -46.32
C VAL A 93 3.80 5.25 -45.08
N CYS A 94 3.95 4.39 -44.08
CA CYS A 94 3.09 4.40 -42.89
C CYS A 94 3.13 5.57 -41.90
N PRO A 95 2.00 6.01 -41.34
CA PRO A 95 1.94 6.88 -40.16
C PRO A 95 2.38 6.09 -38.94
N PRO A 96 2.99 6.66 -37.89
CA PRO A 96 3.37 5.89 -36.73
C PRO A 96 2.22 5.32 -35.94
N TYR A 97 2.61 4.21 -35.36
CA TYR A 97 1.65 3.39 -34.69
C TYR A 97 1.24 4.05 -33.41
N ALA A 98 0.03 4.54 -33.52
CA ALA A 98 -0.72 4.91 -32.34
C ALA A 98 -2.14 4.75 -32.84
N PRO A 99 -2.59 3.49 -32.88
CA PRO A 99 -3.98 3.17 -33.22
C PRO A 99 -4.86 3.92 -32.25
N GLY A 100 -5.84 4.57 -32.83
CA GLY A 100 -6.82 5.25 -32.04
C GLY A 100 -6.38 6.59 -31.51
N GLU A 101 -5.24 7.15 -31.96
CA GLU A 101 -4.96 8.46 -31.43
C GLU A 101 -5.77 9.47 -32.22
N THR A 102 -5.44 10.76 -32.29
CA THR A 102 -6.14 11.75 -33.09
C THR A 102 -5.00 12.73 -33.33
N LYS A 103 -5.25 14.04 -33.43
CA LYS A 103 -4.16 15.02 -33.39
C LYS A 103 -3.57 15.05 -31.95
N GLU A 104 -4.32 14.45 -30.95
CA GLU A 104 -4.05 14.27 -29.50
C GLU A 104 -2.66 14.37 -28.97
N ASP A 105 -1.76 13.87 -29.77
CA ASP A 105 -0.37 13.88 -29.47
C ASP A 105 0.13 15.28 -29.19
N ILE A 106 -0.65 16.35 -29.31
CA ILE A 106 -0.21 17.62 -28.81
C ILE A 106 -0.82 17.84 -27.46
N ALA A 107 -2.14 17.81 -27.18
CA ALA A 107 -2.63 17.98 -25.79
C ALA A 107 -1.88 17.16 -24.70
N ARG A 108 -1.51 15.93 -25.09
CA ARG A 108 -0.69 15.02 -24.31
C ARG A 108 0.73 15.51 -24.29
N LYS A 109 1.27 16.11 -25.33
CA LYS A 109 2.62 16.65 -25.23
C LYS A 109 2.62 17.94 -24.45
N GLU A 110 1.54 18.69 -24.28
CA GLU A 110 1.64 19.87 -23.46
C GLU A 110 1.34 19.53 -22.00
N GLN A 111 0.56 18.47 -21.81
CA GLN A 111 0.37 17.76 -20.56
C GLN A 111 1.77 17.33 -20.08
N LEU A 112 2.50 16.61 -20.92
CA LEU A 112 3.85 16.21 -20.65
C LEU A 112 4.73 17.44 -20.41
N LYS A 113 4.54 18.59 -21.09
CA LYS A 113 5.60 19.59 -21.13
C LYS A 113 5.80 20.30 -19.84
N SER A 114 6.76 19.65 -19.14
CA SER A 114 7.29 19.99 -17.84
C SER A 114 6.23 20.34 -16.80
N LEU A 115 4.94 20.21 -17.20
CA LEU A 115 3.73 20.44 -16.47
C LEU A 115 3.68 19.20 -15.61
N LEU A 116 4.47 18.20 -15.98
CA LEU A 116 4.80 17.07 -15.17
C LEU A 116 5.33 17.70 -13.91
N PRO A 117 4.80 17.35 -12.75
CA PRO A 117 5.28 17.90 -11.50
C PRO A 117 6.76 17.67 -11.37
N PRO A 118 7.54 18.54 -10.87
CA PRO A 118 8.96 18.35 -10.64
C PRO A 118 9.19 17.15 -9.79
N LEU A 119 10.10 16.26 -10.17
CA LEU A 119 10.33 15.00 -9.44
C LEU A 119 10.34 14.98 -7.94
N ASP A 120 10.72 16.01 -7.21
CA ASP A 120 10.74 15.94 -5.77
C ASP A 120 9.30 15.99 -5.31
N ASN A 121 8.28 16.28 -6.09
CA ASN A 121 6.94 16.18 -5.56
C ASN A 121 6.35 14.79 -5.86
N ILE A 122 6.96 13.81 -6.54
CA ILE A 122 6.30 12.52 -6.71
C ILE A 122 6.30 11.87 -5.36
N ILE A 123 5.18 11.47 -4.73
CA ILE A 123 5.30 10.84 -3.42
C ILE A 123 5.14 9.33 -3.43
N ASN A 124 4.44 8.71 -4.35
CA ASN A 124 4.41 7.26 -4.36
C ASN A 124 4.38 6.81 -5.78
N LEU A 125 4.59 5.51 -5.93
CA LEU A 125 4.55 4.81 -7.20
C LEU A 125 3.21 5.09 -7.91
N TYR A 126 2.09 5.34 -7.17
CA TYR A 126 0.81 5.63 -7.81
C TYR A 126 0.83 6.90 -8.55
N ASP A 127 1.75 7.84 -8.30
CA ASP A 127 1.72 9.14 -8.98
C ASP A 127 2.26 9.02 -10.38
N PHE A 128 3.24 8.09 -10.54
CA PHE A 128 3.80 7.80 -11.82
C PHE A 128 2.74 7.14 -12.68
N GLU A 129 1.84 6.28 -12.15
CA GLU A 129 0.72 5.73 -12.94
C GLU A 129 -0.14 6.87 -13.45
N TYR A 130 -0.69 7.62 -12.47
CA TYR A 130 -1.58 8.71 -12.74
C TYR A 130 -1.00 9.52 -13.85
N LEU A 131 0.21 10.05 -13.65
CA LEU A 131 0.91 10.79 -14.68
C LEU A 131 0.97 10.09 -16.03
N ALA A 132 1.43 8.79 -16.07
CA ALA A 132 1.57 8.07 -17.29
C ALA A 132 0.26 7.83 -17.92
N SER A 133 -0.91 7.61 -17.28
CA SER A 133 -2.17 7.40 -18.03
C SER A 133 -2.50 8.63 -18.84
N GLN A 134 -2.27 9.77 -18.22
CA GLN A 134 -2.48 11.07 -18.86
C GLN A 134 -1.59 11.37 -20.06
N THR A 135 -0.28 11.17 -19.91
CA THR A 135 0.59 11.60 -20.96
C THR A 135 0.82 10.51 -21.93
N LEU A 136 0.59 9.24 -21.62
CA LEU A 136 0.84 8.19 -22.60
C LEU A 136 -0.08 8.09 -23.80
N THR A 137 0.57 7.63 -24.89
CA THR A 137 -0.15 7.31 -26.13
C THR A 137 -0.99 6.09 -25.86
N LYS A 138 -2.24 6.22 -26.27
CA LYS A 138 -3.27 5.21 -26.07
C LYS A 138 -2.84 3.78 -26.36
N GLN A 139 -2.10 3.46 -27.45
CA GLN A 139 -1.64 2.08 -27.61
C GLN A 139 -0.80 1.78 -26.37
N ALA A 140 0.29 2.50 -26.08
CA ALA A 140 1.13 2.27 -24.93
C ALA A 140 0.33 2.13 -23.67
N TRP A 141 -0.47 3.08 -23.21
CA TRP A 141 -1.29 2.92 -22.00
C TRP A 141 -2.14 1.66 -22.09
N ALA A 142 -2.70 1.30 -23.21
CA ALA A 142 -3.49 0.11 -23.36
C ALA A 142 -2.55 -1.04 -23.09
N PHE A 143 -1.33 -1.01 -23.62
CA PHE A 143 -0.45 -2.12 -23.61
C PHE A 143 0.04 -2.35 -22.21
N TYR A 144 0.68 -1.32 -21.63
CA TYR A 144 1.22 -1.35 -20.30
C TYR A 144 0.22 -1.61 -19.24
N SER A 145 -0.96 -1.01 -19.20
CA SER A 145 -1.91 -1.28 -18.14
C SER A 145 -2.89 -2.46 -18.20
N SER A 146 -3.01 -3.16 -19.31
CA SER A 146 -4.07 -4.13 -19.40
C SER A 146 -3.73 -5.48 -18.83
N GLY A 147 -4.81 -6.17 -18.66
CA GLY A 147 -4.76 -7.44 -18.00
C GLY A 147 -5.40 -8.39 -18.92
N ALA A 148 -5.35 -9.68 -18.73
CA ALA A 148 -6.02 -10.47 -19.71
C ALA A 148 -7.37 -10.53 -19.17
N ASN A 149 -8.28 -10.02 -19.98
CA ASN A 149 -9.60 -10.61 -19.96
C ASN A 149 -10.45 -10.13 -18.87
N ASP A 150 -11.04 -8.97 -18.94
CA ASP A 150 -11.83 -8.46 -17.78
C ASP A 150 -11.19 -8.44 -16.33
N GLU A 151 -9.90 -8.73 -16.30
CA GLU A 151 -8.92 -8.33 -15.32
C GLU A 151 -9.05 -8.69 -13.86
N VAL A 152 -9.72 -9.79 -13.42
CA VAL A 152 -9.79 -9.96 -11.96
C VAL A 152 -8.41 -10.55 -11.53
N THR A 153 -7.60 -11.49 -12.12
CA THR A 153 -6.32 -11.76 -11.47
C THR A 153 -5.35 -10.57 -11.39
N HIS A 154 -5.47 -9.51 -12.20
CA HIS A 154 -4.60 -8.33 -12.04
C HIS A 154 -4.87 -7.51 -10.77
N ARG A 155 -6.09 -7.09 -10.52
CA ARG A 155 -6.47 -6.29 -9.36
C ARG A 155 -6.29 -7.12 -8.10
N GLU A 156 -6.68 -8.37 -8.19
CA GLU A 156 -6.55 -9.32 -7.12
C GLU A 156 -5.10 -9.38 -6.60
N ASN A 157 -4.10 -9.45 -7.49
CA ASN A 157 -2.68 -9.55 -7.21
C ASN A 157 -2.22 -8.62 -6.11
N HIS A 158 -2.77 -7.38 -6.13
CA HIS A 158 -2.49 -6.32 -5.15
C HIS A 158 -3.47 -6.45 -4.02
N ASN A 159 -4.81 -6.39 -4.24
CA ASN A 159 -5.76 -6.58 -3.13
C ASN A 159 -5.46 -7.78 -2.30
N ALA A 160 -4.78 -8.84 -2.71
CA ALA A 160 -4.49 -9.97 -1.85
C ALA A 160 -3.53 -9.53 -0.78
N TYR A 161 -2.62 -8.55 -0.94
CA TYR A 161 -1.74 -8.10 0.14
C TYR A 161 -2.58 -7.42 1.19
N HIS A 162 -3.76 -6.94 0.86
CA HIS A 162 -4.47 -6.25 1.89
C HIS A 162 -5.20 -7.27 2.69
N ARG A 163 -5.10 -8.54 2.33
CA ARG A 163 -5.69 -9.54 3.22
C ARG A 163 -4.76 -9.88 4.37
N ILE A 164 -3.56 -9.32 4.40
CA ILE A 164 -2.53 -9.56 5.42
C ILE A 164 -2.26 -8.29 6.26
N PHE A 165 -2.24 -8.42 7.58
CA PHE A 165 -1.91 -7.33 8.52
C PHE A 165 -0.55 -7.52 9.29
N PHE A 166 -0.16 -6.57 10.18
CA PHE A 166 1.11 -6.67 10.93
C PHE A 166 0.98 -6.77 12.44
N LYS A 167 2.01 -7.34 12.99
CA LYS A 167 2.02 -7.50 14.42
C LYS A 167 3.32 -6.86 14.86
N PRO A 168 3.53 -5.54 14.91
CA PRO A 168 4.84 -4.93 15.10
C PRO A 168 5.34 -5.05 16.54
N LYS A 169 6.66 -5.25 16.64
CA LYS A 169 7.14 -5.22 17.98
C LYS A 169 7.73 -3.84 18.27
N ILE A 170 7.60 -3.58 19.57
CA ILE A 170 7.86 -2.30 20.20
C ILE A 170 9.11 -2.46 21.05
N LEU A 171 9.62 -1.24 21.36
CA LEU A 171 10.80 -0.96 22.19
C LEU A 171 12.03 -1.84 21.91
N VAL A 172 12.31 -1.78 20.62
CA VAL A 172 13.41 -2.50 20.05
C VAL A 172 14.10 -1.33 19.41
N ASP A 173 15.42 -1.24 19.55
CA ASP A 173 16.18 -0.12 19.02
C ASP A 173 16.32 -0.18 17.51
N VAL A 174 15.45 0.47 16.75
CA VAL A 174 15.49 0.31 15.32
C VAL A 174 16.11 1.57 14.81
N ARG A 175 17.42 1.72 15.06
CA ARG A 175 18.20 2.91 14.68
C ARG A 175 18.90 2.77 13.34
N LYS A 176 19.71 1.76 13.15
CA LYS A 176 20.30 1.55 11.84
C LYS A 176 19.39 0.40 11.44
N VAL A 177 19.02 0.44 10.15
CA VAL A 177 18.15 -0.52 9.51
C VAL A 177 18.90 -1.07 8.32
N ASP A 178 19.05 -2.33 7.98
CA ASP A 178 19.69 -2.73 6.75
C ASP A 178 18.75 -3.56 5.93
N ILE A 179 18.34 -3.01 4.80
CA ILE A 179 17.51 -3.71 3.83
C ILE A 179 18.28 -4.44 2.72
N SER A 180 19.57 -4.78 2.73
CA SER A 180 20.15 -5.47 1.59
C SER A 180 19.90 -6.94 1.85
N THR A 181 20.03 -7.78 0.85
CA THR A 181 19.61 -9.17 0.88
C THR A 181 20.42 -9.77 -0.21
N ASP A 182 20.32 -11.09 -0.36
CA ASP A 182 21.08 -11.75 -1.42
C ASP A 182 20.19 -12.52 -2.35
N MET A 183 20.21 -12.17 -3.60
CA MET A 183 19.36 -12.87 -4.49
C MET A 183 20.30 -13.60 -5.39
N LEU A 184 20.10 -14.91 -5.37
CA LEU A 184 20.58 -15.77 -6.43
C LEU A 184 22.13 -15.57 -6.60
N GLY A 185 22.67 -15.52 -5.36
CA GLY A 185 24.09 -15.46 -5.03
C GLY A 185 24.73 -14.15 -5.44
N SER A 186 24.25 -13.00 -5.00
CA SER A 186 24.79 -11.74 -5.36
C SER A 186 24.11 -10.89 -4.37
N HIS A 187 24.91 -10.21 -3.59
CA HIS A 187 24.36 -9.40 -2.52
C HIS A 187 23.85 -8.18 -3.21
N VAL A 188 22.57 -7.90 -2.96
CA VAL A 188 21.87 -6.83 -3.64
C VAL A 188 21.48 -5.75 -2.64
N ASP A 189 21.37 -4.47 -3.05
CA ASP A 189 21.17 -3.44 -2.06
C ASP A 189 19.81 -3.40 -1.48
N VAL A 190 18.84 -4.00 -2.11
CA VAL A 190 17.48 -3.72 -1.75
C VAL A 190 16.75 -5.03 -2.07
N PRO A 191 15.67 -5.50 -1.41
CA PRO A 191 14.95 -6.75 -1.69
C PRO A 191 13.94 -6.71 -2.87
N PHE A 192 14.13 -5.98 -3.95
CA PHE A 192 13.18 -5.95 -5.00
C PHE A 192 13.94 -5.79 -6.29
N TYR A 193 13.24 -6.02 -7.41
CA TYR A 193 13.92 -5.98 -8.70
C TYR A 193 12.94 -5.44 -9.72
N VAL A 194 13.38 -5.22 -10.94
CA VAL A 194 12.47 -4.78 -11.97
C VAL A 194 12.18 -6.01 -12.85
N SER A 195 10.93 -6.25 -13.24
CA SER A 195 10.64 -7.47 -13.93
C SER A 195 10.88 -7.28 -15.41
N ALA A 196 10.57 -8.18 -16.32
CA ALA A 196 10.90 -8.05 -17.71
C ALA A 196 9.65 -7.42 -18.27
N THR A 197 9.81 -6.51 -19.20
CA THR A 197 8.67 -5.86 -19.79
C THR A 197 9.02 -5.73 -21.26
N ALA A 198 8.00 -5.89 -22.04
CA ALA A 198 8.21 -5.87 -23.47
C ALA A 198 8.23 -4.41 -23.83
N LEU A 199 8.66 -4.01 -24.99
CA LEU A 199 8.62 -2.62 -25.45
C LEU A 199 8.69 -1.41 -24.48
N CYS A 200 9.82 -1.06 -23.83
CA CYS A 200 9.78 0.14 -22.98
C CYS A 200 9.80 1.37 -23.84
N LYS A 201 10.11 1.21 -25.16
CA LYS A 201 10.10 2.32 -26.10
C LYS A 201 8.72 2.80 -26.44
N LEU A 202 7.65 2.11 -26.00
CA LEU A 202 6.34 2.67 -26.27
C LEU A 202 6.26 3.92 -25.46
N GLY A 203 6.59 3.84 -24.18
CA GLY A 203 6.52 4.97 -23.29
C GLY A 203 7.79 5.76 -23.35
N ASN A 204 8.98 5.20 -23.52
CA ASN A 204 10.18 6.03 -23.48
C ASN A 204 10.87 5.86 -24.80
N PRO A 205 10.45 6.56 -25.85
CA PRO A 205 10.83 6.19 -27.21
C PRO A 205 12.31 6.36 -27.56
N LEU A 206 13.00 7.34 -26.98
CA LEU A 206 14.42 7.56 -27.22
C LEU A 206 15.34 6.52 -26.59
N GLU A 207 15.06 6.04 -25.38
CA GLU A 207 16.01 5.14 -24.75
C GLU A 207 15.43 3.82 -24.34
N GLY A 208 14.13 3.80 -24.15
CA GLY A 208 13.45 2.59 -23.75
C GLY A 208 14.17 1.98 -22.59
N GLU A 209 14.56 0.72 -22.75
CA GLU A 209 15.14 -0.09 -21.71
C GLU A 209 16.50 0.38 -21.35
N LYS A 210 17.14 1.33 -22.02
CA LYS A 210 18.46 1.77 -21.63
C LYS A 210 18.35 2.66 -20.43
N ASP A 211 17.44 3.63 -20.45
CA ASP A 211 17.16 4.37 -19.26
C ASP A 211 16.71 3.49 -18.13
N VAL A 212 16.16 2.24 -18.19
CA VAL A 212 15.92 1.73 -16.85
C VAL A 212 17.29 1.20 -16.47
N ALA A 213 18.16 0.85 -17.44
CA ALA A 213 19.48 0.28 -17.08
C ALA A 213 20.29 1.28 -16.30
N ARG A 214 20.16 2.52 -16.73
CA ARG A 214 20.78 3.68 -16.11
C ARG A 214 20.09 4.02 -14.81
N GLY A 215 18.76 4.11 -14.68
CA GLY A 215 18.14 4.50 -13.42
C GLY A 215 18.49 3.51 -12.30
N CYS A 216 18.59 2.21 -12.60
CA CYS A 216 18.83 1.22 -11.57
C CYS A 216 20.23 1.41 -11.10
N GLY A 217 21.24 1.70 -11.93
CA GLY A 217 22.58 1.71 -11.46
C GLY A 217 23.16 3.09 -11.29
N GLN A 218 22.47 4.21 -11.21
CA GLN A 218 23.19 5.47 -11.08
C GLN A 218 23.15 5.94 -9.65
N GLY A 219 22.10 5.76 -8.88
CA GLY A 219 22.11 6.17 -7.51
C GLY A 219 23.00 5.27 -6.68
N VAL A 220 22.86 5.55 -5.38
CA VAL A 220 23.65 4.91 -4.34
C VAL A 220 23.11 3.53 -4.10
N THR A 221 21.78 3.39 -4.16
CA THR A 221 21.03 2.14 -4.17
C THR A 221 20.99 1.69 -5.65
N LYS A 222 21.21 0.44 -5.93
CA LYS A 222 21.23 -0.02 -7.29
C LYS A 222 20.38 -1.27 -7.23
N VAL A 223 19.58 -1.47 -8.26
CA VAL A 223 18.62 -2.55 -8.25
C VAL A 223 18.67 -3.51 -9.46
N PRO A 224 18.51 -4.87 -9.36
CA PRO A 224 18.66 -5.84 -10.47
C PRO A 224 17.60 -5.67 -11.54
N GLN A 225 18.04 -5.73 -12.79
CA GLN A 225 17.19 -5.44 -13.95
C GLN A 225 16.96 -6.72 -14.63
N MET A 226 15.72 -7.22 -14.77
CA MET A 226 15.45 -8.38 -15.62
C MET A 226 15.13 -7.87 -17.05
N ILE A 227 15.89 -8.31 -18.05
CA ILE A 227 15.73 -7.88 -19.41
C ILE A 227 14.84 -8.90 -20.16
N SER A 228 13.78 -8.46 -20.81
CA SER A 228 12.88 -9.27 -21.61
C SER A 228 13.45 -9.58 -22.98
N THR A 229 13.11 -10.80 -23.45
CA THR A 229 13.41 -11.29 -24.80
C THR A 229 12.62 -10.53 -25.86
N LEU A 230 11.50 -9.84 -25.58
CA LEU A 230 10.74 -9.00 -26.49
C LEU A 230 10.93 -7.49 -26.17
N ALA A 231 12.13 -7.21 -25.61
CA ALA A 231 12.60 -5.85 -25.28
C ALA A 231 12.69 -4.97 -26.52
N SER A 232 12.54 -3.66 -26.52
CA SER A 232 12.75 -2.92 -27.73
C SER A 232 14.23 -2.76 -28.01
N CYS A 233 15.19 -3.07 -27.16
CA CYS A 233 16.59 -2.74 -27.40
C CYS A 233 17.38 -4.02 -27.47
N SER A 234 18.55 -4.11 -28.14
CA SER A 234 19.28 -5.36 -28.03
C SER A 234 19.75 -5.57 -26.58
N PRO A 235 19.95 -6.76 -26.00
CA PRO A 235 20.56 -6.89 -24.69
C PRO A 235 21.93 -6.24 -24.74
N GLU A 236 22.63 -6.28 -25.86
CA GLU A 236 23.94 -5.69 -26.02
C GLU A 236 23.94 -4.24 -25.51
N GLU A 237 22.98 -3.39 -25.93
CA GLU A 237 22.89 -1.99 -25.52
C GLU A 237 22.54 -1.80 -24.07
N ILE A 238 21.57 -2.55 -23.54
CA ILE A 238 21.07 -2.40 -22.19
C ILE A 238 22.23 -2.61 -21.20
N ILE A 239 23.03 -3.64 -21.44
CA ILE A 239 24.12 -4.02 -20.59
C ILE A 239 25.18 -2.97 -20.74
N GLU A 240 25.40 -2.59 -21.99
CA GLU A 240 26.40 -1.59 -22.32
C GLU A 240 26.07 -0.30 -21.58
N ALA A 241 24.80 0.09 -21.58
CA ALA A 241 24.40 1.32 -20.96
C ALA A 241 24.25 1.18 -19.45
N ALA A 242 24.69 0.10 -18.81
CA ALA A 242 24.59 0.04 -17.36
C ALA A 242 25.60 1.07 -16.82
N PRO A 243 25.30 2.01 -15.92
CA PRO A 243 26.21 3.02 -15.44
C PRO A 243 27.18 2.63 -14.35
N SER A 244 26.97 1.51 -13.70
CA SER A 244 27.83 1.06 -12.64
C SER A 244 28.25 -0.39 -12.79
N ASP A 245 29.53 -0.79 -12.95
CA ASP A 245 29.95 -2.22 -12.97
C ASP A 245 29.41 -2.99 -11.78
N LYS A 246 28.91 -2.41 -10.68
CA LYS A 246 28.45 -3.26 -9.62
C LYS A 246 27.00 -3.66 -9.75
N GLN A 247 26.16 -3.10 -10.63
CA GLN A 247 24.76 -3.44 -10.77
C GLN A 247 24.55 -4.76 -11.51
N ILE A 248 23.39 -5.39 -11.22
CA ILE A 248 23.05 -6.71 -11.74
C ILE A 248 21.96 -6.71 -12.81
N GLN A 249 22.16 -7.54 -13.86
CA GLN A 249 21.22 -7.75 -14.98
C GLN A 249 20.83 -9.19 -15.17
N TRP A 250 19.55 -9.44 -15.42
CA TRP A 250 19.04 -10.83 -15.45
C TRP A 250 18.43 -11.12 -16.79
N TYR A 251 18.46 -12.28 -17.47
CA TYR A 251 17.85 -12.38 -18.80
C TYR A 251 16.61 -13.19 -18.67
N GLN A 252 15.54 -12.78 -19.33
CA GLN A 252 14.25 -13.47 -19.30
C GLN A 252 14.02 -13.98 -20.71
N LEU A 253 13.94 -15.30 -20.79
CA LEU A 253 13.88 -16.09 -22.01
C LEU A 253 12.49 -16.69 -22.17
N TYR A 254 12.08 -16.67 -23.43
CA TYR A 254 10.98 -17.50 -23.87
C TYR A 254 11.73 -18.48 -24.78
N VAL A 255 11.46 -19.81 -24.73
CA VAL A 255 12.19 -20.67 -25.65
C VAL A 255 11.42 -20.73 -27.00
N ASN A 256 12.16 -20.54 -28.10
CA ASN A 256 11.62 -20.55 -29.43
C ASN A 256 11.26 -21.97 -29.84
N SER A 257 10.32 -22.17 -30.75
CA SER A 257 10.11 -23.48 -31.30
C SER A 257 11.38 -23.86 -32.06
N ASP A 258 12.19 -22.93 -32.62
CA ASP A 258 13.42 -23.34 -33.29
C ASP A 258 14.44 -23.36 -32.17
N ARG A 259 14.61 -24.44 -31.45
CA ARG A 259 15.43 -24.40 -30.26
C ARG A 259 16.87 -24.06 -30.53
N LYS A 260 17.45 -24.13 -31.75
CA LYS A 260 18.86 -23.69 -31.88
C LYS A 260 18.86 -22.19 -31.67
N ILE A 261 17.79 -21.47 -31.96
CA ILE A 261 17.69 -20.03 -31.71
C ILE A 261 17.81 -19.77 -30.23
N THR A 262 17.06 -20.44 -29.39
CA THR A 262 17.22 -20.18 -27.99
C THR A 262 18.60 -20.53 -27.50
N ASP A 263 19.14 -21.63 -28.02
CA ASP A 263 20.47 -22.11 -27.69
C ASP A 263 21.39 -20.95 -28.03
N ASP A 264 21.22 -20.28 -29.12
CA ASP A 264 22.09 -19.19 -29.40
C ASP A 264 21.76 -17.99 -28.57
N LEU A 265 20.57 -17.82 -27.98
CA LEU A 265 20.29 -16.64 -27.15
C LEU A 265 20.96 -16.83 -25.79
N VAL A 266 20.95 -18.02 -25.20
CA VAL A 266 21.59 -18.22 -23.93
C VAL A 266 23.11 -18.04 -24.00
N LYS A 267 23.88 -18.58 -24.96
CA LYS A 267 25.31 -18.42 -24.96
C LYS A 267 25.64 -16.99 -25.22
N ASN A 268 24.88 -16.28 -26.04
CA ASN A 268 25.18 -14.86 -26.25
C ASN A 268 24.94 -14.04 -24.97
N VAL A 269 23.76 -14.02 -24.34
CA VAL A 269 23.64 -13.27 -23.09
C VAL A 269 24.45 -13.88 -21.93
N GLU A 270 25.22 -14.96 -22.03
CA GLU A 270 26.04 -15.31 -20.89
C GLU A 270 27.30 -14.54 -21.15
N LYS A 271 27.69 -14.38 -22.42
CA LYS A 271 28.97 -13.80 -22.73
C LYS A 271 28.80 -12.37 -22.28
N LEU A 272 27.69 -11.70 -22.58
CA LEU A 272 27.47 -10.33 -22.16
C LEU A 272 27.45 -10.14 -20.62
N GLY A 273 27.31 -11.25 -19.95
CA GLY A 273 27.40 -11.26 -18.51
C GLY A 273 26.15 -11.07 -17.69
N VAL A 274 24.98 -11.44 -18.19
CA VAL A 274 23.81 -11.35 -17.35
C VAL A 274 23.94 -12.47 -16.30
N LYS A 275 23.44 -12.21 -15.09
CA LYS A 275 23.72 -13.11 -14.01
C LYS A 275 22.80 -14.30 -13.84
N ALA A 276 21.62 -14.41 -14.48
CA ALA A 276 20.74 -15.53 -14.24
C ALA A 276 19.72 -15.60 -15.38
N LEU A 277 19.08 -16.75 -15.65
CA LEU A 277 18.12 -16.93 -16.73
C LEU A 277 16.76 -17.20 -16.11
N PHE A 278 15.76 -16.33 -16.28
CA PHE A 278 14.40 -16.43 -15.78
C PHE A 278 13.69 -16.91 -17.04
N VAL A 279 13.36 -18.21 -17.11
CA VAL A 279 12.66 -18.78 -18.26
C VAL A 279 11.15 -18.58 -18.10
N THR A 280 10.40 -17.86 -18.90
CA THR A 280 8.98 -17.64 -18.65
C THR A 280 8.09 -18.77 -19.15
N VAL A 281 7.56 -19.54 -18.22
CA VAL A 281 6.71 -20.62 -18.62
C VAL A 281 5.28 -20.24 -18.51
N ASP A 282 4.81 -19.11 -18.07
CA ASP A 282 3.38 -18.93 -18.00
C ASP A 282 2.73 -18.39 -19.26
N ALA A 283 3.37 -18.29 -20.44
CA ALA A 283 2.69 -17.71 -21.63
C ALA A 283 2.78 -18.54 -22.92
N PRO A 284 2.29 -19.81 -22.96
CA PRO A 284 2.32 -20.66 -24.11
C PRO A 284 1.42 -20.09 -25.14
N SER A 285 0.19 -19.70 -24.75
CA SER A 285 -0.70 -18.98 -25.67
C SER A 285 -0.77 -17.50 -25.27
N LEU A 286 -0.79 -16.46 -26.10
CA LEU A 286 -0.85 -15.11 -25.56
C LEU A 286 -2.14 -14.85 -24.81
N GLY A 287 -2.15 -14.24 -23.61
CA GLY A 287 -3.39 -13.87 -22.89
C GLY A 287 -4.26 -12.88 -23.67
N GLN A 288 -5.59 -12.90 -23.64
CA GLN A 288 -6.34 -11.99 -24.47
C GLN A 288 -6.44 -10.67 -23.74
N ARG A 289 -6.02 -9.55 -24.34
CA ARG A 289 -6.09 -8.28 -23.65
C ARG A 289 -6.99 -7.39 -24.45
N GLU A 290 -8.20 -7.61 -23.98
CA GLU A 290 -9.24 -6.85 -24.60
C GLU A 290 -9.05 -5.33 -24.69
N LYS A 291 -8.43 -4.53 -23.83
CA LYS A 291 -8.45 -3.08 -24.01
C LYS A 291 -7.64 -2.77 -25.24
N ASP A 292 -6.65 -3.65 -25.51
CA ASP A 292 -5.75 -3.45 -26.62
C ASP A 292 -6.46 -3.88 -27.87
N MET A 293 -7.06 -5.06 -27.85
CA MET A 293 -7.89 -5.48 -28.96
C MET A 293 -8.85 -4.34 -29.25
N LYS A 294 -9.61 -3.79 -28.32
CA LYS A 294 -10.65 -2.84 -28.57
C LYS A 294 -10.13 -1.68 -29.34
N LEU A 295 -8.85 -1.39 -29.14
CA LEU A 295 -8.16 -0.27 -29.73
C LEU A 295 -7.65 -0.53 -31.16
N LYS A 296 -7.47 -1.77 -31.62
CA LYS A 296 -6.98 -2.09 -32.97
C LYS A 296 -7.99 -2.09 -34.14
N ALA A 321 -2.81 -16.32 -30.96
CA ALA A 321 -2.80 -16.59 -29.56
C ALA A 321 -1.62 -17.52 -29.63
N LEU A 322 -1.65 -18.69 -30.24
CA LEU A 322 -0.42 -19.46 -30.48
C LEU A 322 0.58 -18.80 -31.45
N SER A 323 1.86 -19.13 -31.49
CA SER A 323 2.83 -18.58 -32.43
C SER A 323 4.05 -19.45 -32.29
N LYS A 324 5.02 -19.51 -33.18
CA LYS A 324 6.11 -20.40 -32.95
C LYS A 324 7.09 -19.76 -32.02
N PHE A 325 7.17 -18.45 -32.00
CA PHE A 325 8.07 -17.69 -31.14
C PHE A 325 8.18 -18.14 -29.67
N ILE A 326 7.05 -18.52 -29.08
CA ILE A 326 7.08 -18.88 -27.70
C ILE A 326 6.59 -20.28 -27.95
N ASP A 327 7.48 -21.23 -27.94
CA ASP A 327 7.11 -22.58 -28.23
C ASP A 327 6.07 -23.02 -27.23
N PRO A 328 4.89 -23.54 -27.62
CA PRO A 328 3.88 -24.00 -26.69
C PRO A 328 4.01 -25.41 -26.29
N SER A 329 4.96 -26.22 -26.81
CA SER A 329 5.21 -27.58 -26.28
C SER A 329 6.33 -27.71 -25.24
N LEU A 330 6.73 -26.64 -24.56
CA LEU A 330 7.87 -26.67 -23.67
C LEU A 330 7.36 -27.40 -22.45
N THR A 331 8.18 -28.26 -21.88
CA THR A 331 7.86 -29.10 -20.73
C THR A 331 9.06 -29.19 -19.78
N TRP A 332 8.94 -29.86 -18.65
CA TRP A 332 10.01 -30.03 -17.69
C TRP A 332 11.31 -30.64 -18.21
N LYS A 333 11.24 -31.53 -19.21
CA LYS A 333 12.42 -32.17 -19.80
C LYS A 333 13.14 -31.08 -20.54
N ASP A 334 12.44 -30.14 -21.14
CA ASP A 334 13.10 -29.05 -21.78
C ASP A 334 14.00 -28.09 -20.97
N ILE A 335 13.69 -27.98 -19.70
CA ILE A 335 14.39 -27.13 -18.78
C ILE A 335 15.54 -28.00 -18.39
N GLU A 336 15.34 -29.30 -18.08
CA GLU A 336 16.42 -30.22 -17.74
C GLU A 336 17.47 -30.15 -18.81
N GLU A 337 17.14 -30.11 -20.08
CA GLU A 337 18.16 -29.96 -21.08
C GLU A 337 18.79 -28.60 -20.98
N LEU A 338 18.07 -27.50 -20.78
CA LEU A 338 18.67 -26.18 -20.69
C LEU A 338 19.76 -26.15 -19.64
N LYS A 339 19.60 -26.76 -18.45
CA LYS A 339 20.59 -26.74 -17.41
C LYS A 339 21.99 -27.15 -17.90
N LYS A 340 22.04 -28.22 -18.71
CA LYS A 340 23.28 -28.76 -19.27
C LYS A 340 23.88 -27.68 -20.14
N LYS A 341 23.06 -27.05 -20.94
CA LYS A 341 23.57 -26.10 -21.87
C LYS A 341 24.04 -24.85 -21.10
N THR A 342 23.80 -24.55 -19.81
CA THR A 342 24.21 -23.24 -19.33
C THR A 342 24.73 -23.28 -17.94
N LYS A 343 25.62 -22.32 -17.70
CA LYS A 343 26.22 -22.23 -16.38
C LYS A 343 25.52 -21.25 -15.44
N LEU A 344 24.64 -20.37 -15.96
CA LEU A 344 23.94 -19.35 -15.15
C LEU A 344 22.85 -20.04 -14.38
N PRO A 345 22.32 -19.55 -13.29
CA PRO A 345 21.17 -20.12 -12.62
C PRO A 345 19.95 -19.95 -13.50
N ILE A 346 19.00 -20.88 -13.31
CA ILE A 346 17.80 -20.98 -14.13
C ILE A 346 16.68 -20.80 -13.09
N VAL A 347 15.82 -19.83 -13.35
CA VAL A 347 14.70 -19.54 -12.52
C VAL A 347 13.49 -19.61 -13.44
N ILE A 348 12.53 -20.44 -13.09
CA ILE A 348 11.36 -20.65 -13.89
C ILE A 348 10.46 -19.52 -13.45
N LYS A 349 10.15 -18.56 -14.30
CA LYS A 349 9.23 -17.49 -13.92
C LYS A 349 7.87 -17.86 -14.48
N GLY A 350 6.77 -17.74 -13.70
CA GLY A 350 5.41 -17.99 -14.13
C GLY A 350 4.78 -19.06 -13.28
N VAL A 351 5.25 -19.65 -12.16
CA VAL A 351 4.61 -20.76 -11.48
C VAL A 351 3.36 -20.42 -10.68
N GLN A 352 2.36 -21.32 -10.68
CA GLN A 352 1.06 -20.97 -10.18
C GLN A 352 0.49 -21.97 -9.18
N ARG A 353 1.20 -23.00 -8.77
CA ARG A 353 0.65 -23.81 -7.72
C ARG A 353 1.85 -24.37 -6.97
N THR A 354 1.69 -24.92 -5.77
CA THR A 354 2.76 -25.51 -5.02
C THR A 354 3.34 -26.70 -5.75
N GLU A 355 2.58 -27.50 -6.53
CA GLU A 355 3.08 -28.69 -7.18
C GLU A 355 4.11 -28.33 -8.21
N ASP A 356 3.96 -27.17 -8.83
CA ASP A 356 5.00 -26.82 -9.77
C ASP A 356 6.18 -26.18 -9.09
N VAL A 357 6.08 -25.88 -7.78
CA VAL A 357 7.23 -25.38 -7.04
C VAL A 357 7.98 -26.64 -6.68
N ILE A 358 7.30 -27.61 -6.13
CA ILE A 358 7.97 -28.83 -5.76
C ILE A 358 8.63 -29.52 -6.94
N LYS A 359 8.04 -29.56 -8.13
CA LYS A 359 8.67 -30.23 -9.23
C LYS A 359 9.94 -29.48 -9.67
N ALA A 360 9.93 -28.15 -9.71
CA ALA A 360 11.06 -27.33 -10.11
C ALA A 360 12.20 -27.40 -9.07
N ALA A 361 11.84 -27.67 -7.78
CA ALA A 361 12.82 -27.91 -6.74
C ALA A 361 13.35 -29.26 -7.09
N GLU A 362 12.52 -30.28 -7.29
CA GLU A 362 12.96 -31.60 -7.71
C GLU A 362 13.81 -31.58 -8.99
N ILE A 363 13.57 -30.89 -10.13
CA ILE A 363 14.58 -30.92 -11.21
C ILE A 363 15.80 -30.07 -10.89
N GLY A 364 15.84 -29.35 -9.77
CA GLY A 364 17.07 -28.70 -9.36
C GLY A 364 17.38 -27.35 -9.97
N VAL A 365 16.35 -26.59 -10.30
CA VAL A 365 16.54 -25.33 -10.95
C VAL A 365 16.75 -24.37 -9.76
N SER A 366 17.58 -23.33 -9.85
CA SER A 366 17.85 -22.30 -8.84
C SER A 366 16.69 -21.60 -8.17
N GLY A 367 15.53 -21.42 -8.75
CA GLY A 367 14.48 -20.68 -8.11
C GLY A 367 13.29 -20.68 -9.08
N VAL A 368 12.16 -20.15 -8.59
CA VAL A 368 10.84 -20.16 -9.15
C VAL A 368 10.30 -18.77 -8.91
N VAL A 369 9.62 -18.10 -9.83
CA VAL A 369 9.03 -16.79 -9.57
C VAL A 369 7.51 -17.04 -9.59
N LEU A 370 6.85 -16.91 -8.44
CA LEU A 370 5.44 -17.18 -8.31
C LEU A 370 4.78 -15.95 -8.92
N SER A 371 4.29 -16.15 -10.13
CA SER A 371 3.85 -15.08 -10.95
C SER A 371 2.87 -15.65 -11.90
N ASN A 372 2.00 -14.81 -12.36
CA ASN A 372 0.95 -15.15 -13.28
C ASN A 372 0.99 -14.04 -14.35
N HIS A 373 2.16 -13.58 -14.68
CA HIS A 373 2.46 -12.64 -15.73
C HIS A 373 1.86 -11.26 -15.55
N GLY A 374 1.59 -10.77 -14.38
CA GLY A 374 0.96 -9.42 -14.25
C GLY A 374 -0.56 -9.39 -14.43
N GLY A 375 -1.07 -10.61 -14.60
CA GLY A 375 -2.48 -10.90 -14.73
C GLY A 375 -2.98 -10.47 -16.10
N ARG A 376 -2.14 -10.87 -17.06
CA ARG A 376 -2.45 -10.67 -18.43
C ARG A 376 -2.33 -12.02 -19.02
N GLN A 377 -2.55 -13.12 -18.37
CA GLN A 377 -2.44 -14.37 -19.07
C GLN A 377 -3.73 -15.14 -18.74
N LEU A 378 -3.79 -16.19 -17.88
CA LEU A 378 -5.03 -16.87 -17.56
C LEU A 378 -5.76 -15.98 -16.52
N ASP A 379 -7.07 -15.62 -16.66
CA ASP A 379 -7.63 -14.69 -15.74
C ASP A 379 -8.18 -15.17 -14.45
N PHE A 380 -8.71 -16.29 -13.94
CA PHE A 380 -8.95 -16.27 -12.47
C PHE A 380 -7.83 -17.02 -11.80
N SER A 381 -6.61 -16.62 -12.15
CA SER A 381 -5.46 -17.27 -11.57
C SER A 381 -5.26 -16.63 -10.18
N ARG A 382 -4.78 -17.32 -9.14
CA ARG A 382 -4.66 -16.72 -7.80
C ARG A 382 -3.58 -15.65 -7.63
N ALA A 383 -3.65 -14.98 -6.48
CA ALA A 383 -2.62 -14.03 -6.16
C ALA A 383 -1.29 -14.68 -5.73
N PRO A 384 -0.10 -14.38 -6.25
CA PRO A 384 1.15 -15.03 -5.89
C PRO A 384 1.41 -14.92 -4.42
N ILE A 385 0.94 -13.91 -3.65
CA ILE A 385 1.23 -13.93 -2.20
C ILE A 385 0.42 -15.03 -1.58
N GLU A 386 -0.79 -15.33 -2.07
CA GLU A 386 -1.60 -16.39 -1.51
C GLU A 386 -0.93 -17.67 -1.85
N VAL A 387 -0.29 -17.76 -3.00
CA VAL A 387 0.31 -19.05 -3.27
C VAL A 387 1.56 -19.13 -2.41
N LEU A 388 2.36 -18.05 -2.25
CA LEU A 388 3.58 -18.04 -1.44
C LEU A 388 3.23 -18.62 -0.06
N ALA A 389 2.14 -18.15 0.52
CA ALA A 389 1.78 -18.52 1.86
C ALA A 389 1.46 -19.99 1.99
N GLU A 390 1.00 -20.55 0.89
CA GLU A 390 0.58 -21.94 0.83
C GLU A 390 1.75 -22.85 0.73
N THR A 391 2.60 -22.41 -0.15
CA THR A 391 3.82 -23.07 -0.53
C THR A 391 4.89 -23.16 0.54
N MET A 392 5.34 -22.05 1.11
CA MET A 392 6.47 -22.06 2.03
C MET A 392 6.38 -23.00 3.22
N PRO A 393 5.26 -23.25 3.89
CA PRO A 393 5.18 -24.30 4.88
C PRO A 393 5.51 -25.61 4.22
N ILE A 394 4.93 -25.91 3.06
CA ILE A 394 5.20 -27.16 2.40
C ILE A 394 6.68 -27.24 2.00
N LEU A 395 7.35 -26.19 1.49
CA LEU A 395 8.79 -26.28 1.23
C LEU A 395 9.54 -26.43 2.53
N GLU A 396 9.09 -26.05 3.74
CA GLU A 396 9.80 -26.49 4.93
C GLU A 396 9.49 -27.93 5.24
N GLN A 397 8.25 -28.39 5.39
CA GLN A 397 7.94 -29.80 5.64
C GLN A 397 8.76 -30.70 4.75
N ARG A 398 8.76 -30.49 3.44
CA ARG A 398 9.47 -31.39 2.56
C ARG A 398 10.95 -31.14 2.45
N ASN A 399 11.47 -30.46 3.47
CA ASN A 399 12.86 -30.07 3.61
C ASN A 399 13.64 -29.54 2.42
N LEU A 400 12.97 -29.10 1.35
CA LEU A 400 13.53 -28.48 0.15
C LEU A 400 13.67 -26.99 0.31
N LYS A 401 13.20 -26.33 1.38
CA LYS A 401 13.15 -24.89 1.43
C LYS A 401 14.47 -24.21 1.17
N ASP A 402 15.60 -24.70 1.66
CA ASP A 402 16.77 -23.87 1.43
C ASP A 402 17.42 -24.18 0.09
N LYS A 403 16.76 -24.91 -0.80
CA LYS A 403 17.39 -25.24 -2.06
C LYS A 403 16.63 -24.75 -3.28
N LEU A 404 15.95 -23.62 -3.12
CA LEU A 404 15.11 -23.10 -4.17
C LEU A 404 14.80 -21.69 -3.78
N GLU A 405 15.07 -20.65 -4.55
CA GLU A 405 14.76 -19.31 -4.05
C GLU A 405 13.45 -18.88 -4.64
N VAL A 406 12.42 -18.58 -3.88
CA VAL A 406 11.12 -18.23 -4.42
C VAL A 406 11.02 -16.72 -4.57
N PHE A 407 10.84 -16.14 -5.75
CA PHE A 407 10.56 -14.73 -5.88
C PHE A 407 9.04 -14.69 -6.09
N VAL A 408 8.43 -13.49 -6.16
CA VAL A 408 6.98 -13.21 -6.15
C VAL A 408 6.86 -11.95 -6.97
N ASP A 409 5.85 -11.72 -7.77
CA ASP A 409 5.68 -10.40 -8.32
C ASP A 409 4.18 -10.28 -8.52
N GLY A 410 3.89 -9.21 -9.25
CA GLY A 410 2.53 -8.88 -9.45
C GLY A 410 1.93 -8.28 -8.17
N GLY A 411 1.50 -7.03 -8.41
CA GLY A 411 0.61 -6.34 -7.52
C GLY A 411 1.32 -5.59 -6.44
N VAL A 412 2.68 -5.59 -6.44
CA VAL A 412 3.42 -4.91 -5.40
C VAL A 412 3.49 -3.39 -5.66
N ARG A 413 3.06 -2.52 -4.74
CA ARG A 413 3.04 -1.07 -4.96
C ARG A 413 3.57 -0.25 -3.85
N ARG A 414 3.66 -0.82 -2.64
CA ARG A 414 4.04 -0.09 -1.44
C ARG A 414 5.05 -0.92 -0.67
N GLY A 415 6.09 -0.34 -0.02
CA GLY A 415 7.03 -1.13 0.76
C GLY A 415 6.38 -2.09 1.77
N THR A 416 5.21 -1.87 2.42
CA THR A 416 4.65 -2.90 3.28
C THR A 416 4.31 -4.15 2.53
N ASP A 417 3.87 -4.04 1.24
CA ASP A 417 3.65 -5.18 0.31
C ASP A 417 4.94 -6.00 0.23
N VAL A 418 6.06 -5.36 -0.14
CA VAL A 418 7.32 -6.08 -0.16
C VAL A 418 7.55 -6.69 1.21
N LEU A 419 7.33 -6.04 2.32
CA LEU A 419 7.62 -6.68 3.61
C LEU A 419 6.72 -7.84 3.85
N LYS A 420 5.48 -7.83 3.32
CA LYS A 420 4.62 -8.96 3.56
C LYS A 420 5.18 -10.18 2.80
N ALA A 421 5.62 -9.94 1.57
CA ALA A 421 6.18 -10.95 0.70
C ALA A 421 7.42 -11.46 1.34
N LEU A 422 8.29 -10.69 2.00
CA LEU A 422 9.51 -11.25 2.56
C LEU A 422 9.24 -11.88 3.94
N CYS A 423 8.45 -11.38 4.90
CA CYS A 423 8.14 -12.17 6.09
C CYS A 423 7.60 -13.57 5.72
N LEU A 424 6.90 -13.75 4.61
CA LEU A 424 6.44 -15.08 4.24
C LEU A 424 7.51 -15.96 3.55
N GLY A 425 8.75 -15.50 3.32
CA GLY A 425 9.73 -16.40 2.77
C GLY A 425 10.24 -15.97 1.42
N ALA A 426 9.63 -15.12 0.61
CA ALA A 426 10.19 -14.85 -0.70
C ALA A 426 11.51 -14.15 -0.52
N LYS A 427 12.47 -14.64 -1.29
CA LYS A 427 13.80 -14.07 -1.42
C LYS A 427 13.78 -12.65 -1.97
N GLY A 428 12.98 -12.26 -2.96
CA GLY A 428 12.98 -10.94 -3.57
C GLY A 428 11.63 -10.66 -4.23
N VAL A 429 11.22 -9.41 -4.38
CA VAL A 429 9.92 -9.13 -4.93
C VAL A 429 10.12 -8.35 -6.22
N GLY A 430 9.28 -8.41 -7.26
CA GLY A 430 9.52 -7.71 -8.48
C GLY A 430 8.40 -6.81 -8.90
N LEU A 431 8.76 -5.84 -9.72
CA LEU A 431 7.74 -4.97 -10.21
C LEU A 431 7.81 -4.78 -11.73
N GLY A 432 6.63 -4.85 -12.34
CA GLY A 432 6.54 -4.68 -13.77
C GLY A 432 6.09 -3.28 -14.03
N ARG A 433 4.80 -3.01 -14.04
CA ARG A 433 4.33 -1.67 -14.30
C ARG A 433 4.87 -0.45 -13.58
N PRO A 434 5.18 -0.31 -12.26
CA PRO A 434 5.65 0.94 -11.65
C PRO A 434 6.86 1.43 -12.41
N PHE A 435 7.77 0.54 -12.72
CA PHE A 435 8.96 0.92 -13.47
C PHE A 435 8.66 1.33 -14.89
N LEU A 436 7.61 0.92 -15.58
CA LEU A 436 7.39 1.45 -16.91
C LEU A 436 6.72 2.76 -16.71
N TYR A 437 5.91 2.99 -15.65
CA TYR A 437 5.25 4.31 -15.63
C TYR A 437 6.20 5.41 -15.19
N ALA A 438 7.08 5.07 -14.25
CA ALA A 438 8.18 5.91 -13.82
C ALA A 438 9.05 6.13 -15.03
N ASN A 439 9.58 5.08 -15.68
CA ASN A 439 10.47 5.27 -16.83
C ASN A 439 9.80 6.02 -17.94
N SER A 440 8.56 5.78 -18.32
CA SER A 440 7.92 6.51 -19.40
C SER A 440 7.79 7.98 -19.16
N CYS A 441 7.41 8.40 -17.94
CA CYS A 441 7.19 9.79 -17.53
C CYS A 441 8.44 10.65 -17.28
N TYR A 442 9.40 10.07 -16.56
CA TYR A 442 10.60 10.76 -16.14
C TYR A 442 11.84 10.03 -16.53
N GLY A 443 11.86 9.02 -17.36
CA GLY A 443 13.12 8.43 -17.78
C GLY A 443 13.89 7.79 -16.65
N ARG A 444 15.20 8.04 -16.68
CA ARG A 444 16.14 7.37 -15.74
C ARG A 444 16.11 7.93 -14.35
N ASN A 445 15.92 9.21 -14.22
CA ASN A 445 15.74 9.78 -12.91
C ASN A 445 14.36 9.36 -12.40
N GLY A 446 13.32 9.18 -13.22
CA GLY A 446 12.07 8.61 -12.73
C GLY A 446 12.34 7.18 -12.25
N VAL A 447 13.15 6.37 -12.97
CA VAL A 447 13.35 5.06 -12.38
C VAL A 447 14.10 5.18 -11.06
N GLU A 448 15.14 6.00 -10.90
CA GLU A 448 15.85 6.20 -9.65
C GLU A 448 14.93 6.64 -8.56
N LYS A 449 14.15 7.68 -8.81
CA LYS A 449 13.19 8.18 -7.85
C LYS A 449 12.20 7.11 -7.44
N ALA A 450 11.86 6.11 -8.29
CA ALA A 450 10.92 5.07 -7.90
C ALA A 450 11.70 4.19 -6.96
N ILE A 451 12.93 3.78 -7.27
CA ILE A 451 13.83 3.00 -6.44
C ILE A 451 14.03 3.58 -5.03
N GLU A 452 14.13 4.90 -5.04
CA GLU A 452 14.28 5.68 -3.84
C GLU A 452 12.97 5.60 -3.10
N ILE A 453 11.84 6.16 -3.60
CA ILE A 453 10.52 6.07 -2.97
C ILE A 453 10.28 4.71 -2.32
N LEU A 454 10.35 3.61 -3.08
CA LEU A 454 10.13 2.32 -2.46
C LEU A 454 11.19 1.84 -1.43
N ARG A 455 12.52 2.03 -1.57
CA ARG A 455 13.53 1.72 -0.53
C ARG A 455 13.19 2.47 0.77
N ASP A 456 12.92 3.79 0.67
CA ASP A 456 12.45 4.52 1.82
C ASP A 456 11.20 3.86 2.39
N GLU A 457 10.12 3.57 1.65
CA GLU A 457 8.96 2.94 2.29
C GLU A 457 9.32 1.65 3.01
N ILE A 458 10.30 0.89 2.49
CA ILE A 458 10.68 -0.34 3.13
C ILE A 458 11.47 0.01 4.38
N GLU A 459 12.38 0.96 4.39
CA GLU A 459 13.21 1.13 5.57
C GLU A 459 12.29 1.61 6.72
N MET A 460 11.42 2.56 6.39
CA MET A 460 10.50 3.21 7.29
C MET A 460 9.63 2.22 8.01
N SER A 461 9.12 1.29 7.22
CA SER A 461 8.15 0.34 7.71
C SER A 461 8.88 -0.70 8.47
N MET A 462 10.15 -0.98 8.20
CA MET A 462 10.93 -1.96 8.96
C MET A 462 11.21 -1.45 10.38
N ARG A 463 11.45 -0.14 10.56
CA ARG A 463 11.64 0.50 11.86
C ARG A 463 10.34 0.34 12.62
N LEU A 464 9.24 0.93 12.14
CA LEU A 464 7.90 0.78 12.73
C LEU A 464 7.49 -0.69 12.89
N LEU A 465 8.07 -1.64 12.15
CA LEU A 465 7.74 -3.03 12.30
C LEU A 465 8.55 -3.64 13.41
N GLY A 466 9.61 -2.95 13.86
CA GLY A 466 10.49 -3.34 14.95
C GLY A 466 11.63 -4.29 14.55
N VAL A 467 12.05 -4.33 13.28
CA VAL A 467 13.14 -5.22 12.84
C VAL A 467 14.26 -4.49 12.13
N THR A 468 15.42 -5.08 11.94
CA THR A 468 16.48 -4.32 11.31
C THR A 468 17.17 -5.02 10.16
N SER A 469 17.05 -6.32 9.97
CA SER A 469 17.63 -6.95 8.81
C SER A 469 16.55 -7.75 8.04
N ILE A 470 16.60 -7.93 6.70
CA ILE A 470 15.67 -8.75 5.93
C ILE A 470 15.57 -10.10 6.66
N ALA A 471 16.66 -10.63 7.18
CA ALA A 471 16.63 -11.90 7.91
C ALA A 471 15.79 -11.87 9.17
N GLU A 472 15.58 -10.69 9.71
CA GLU A 472 14.70 -10.61 10.84
C GLU A 472 13.25 -10.66 10.46
N LEU A 473 12.94 -10.39 9.19
CA LEU A 473 11.58 -10.46 8.66
C LEU A 473 11.19 -11.93 8.57
N LYS A 474 10.40 -12.36 9.55
CA LYS A 474 9.94 -13.72 9.71
C LYS A 474 8.42 -13.66 9.77
N PRO A 475 7.65 -14.76 9.64
CA PRO A 475 6.25 -14.77 9.57
C PRO A 475 5.67 -14.43 10.86
N ASP A 476 6.30 -14.72 11.98
CA ASP A 476 5.71 -14.39 13.25
C ASP A 476 5.42 -12.91 13.34
N LEU A 477 5.89 -12.03 12.44
CA LEU A 477 5.53 -10.62 12.45
C LEU A 477 4.22 -10.34 11.72
N LEU A 478 3.58 -11.34 11.12
CA LEU A 478 2.41 -11.14 10.27
C LEU A 478 1.12 -11.66 10.81
N ASP A 479 0.03 -10.92 10.53
CA ASP A 479 -1.30 -11.47 10.79
C ASP A 479 -1.89 -12.27 9.60
N LEU A 480 -1.98 -13.59 9.69
CA LEU A 480 -2.46 -14.29 8.53
C LEU A 480 -3.84 -14.85 8.70
N SER A 481 -4.53 -14.52 9.80
CA SER A 481 -5.81 -15.14 10.13
C SER A 481 -6.86 -14.86 9.08
N THR A 482 -6.84 -13.76 8.39
CA THR A 482 -7.80 -13.55 7.34
C THR A 482 -7.16 -13.49 5.92
N LEU A 483 -6.04 -14.31 5.76
CA LEU A 483 -5.36 -14.48 4.48
C LEU A 483 -6.34 -15.00 3.47
N LYS A 484 -7.15 -15.98 3.78
CA LYS A 484 -8.05 -16.53 2.80
C LYS A 484 -9.44 -15.82 2.70
N ALA A 485 -9.70 -14.59 3.18
CA ALA A 485 -11.04 -14.03 3.11
C ALA A 485 -11.26 -13.22 1.86
N ARG A 486 -11.25 -13.99 0.80
CA ARG A 486 -11.44 -13.53 -0.55
C ARG A 486 -12.93 -13.71 -0.81
N THR A 487 -13.76 -12.72 -0.58
CA THR A 487 -15.20 -12.86 -0.72
C THR A 487 -15.80 -12.30 -2.01
N VAL A 488 -17.02 -12.76 -2.38
CA VAL A 488 -17.81 -12.23 -3.49
C VAL A 488 -19.11 -12.08 -2.70
N GLY A 489 -19.64 -10.89 -2.53
CA GLY A 489 -20.80 -10.80 -1.64
C GLY A 489 -22.10 -10.99 -2.39
N VAL A 490 -23.28 -11.16 -1.72
CA VAL A 490 -24.43 -11.47 -2.54
C VAL A 490 -24.84 -10.22 -3.26
N PRO A 491 -25.34 -10.34 -4.51
CA PRO A 491 -25.66 -9.21 -5.36
C PRO A 491 -26.61 -8.39 -4.54
N ASN A 492 -26.57 -7.11 -4.35
CA ASN A 492 -27.61 -6.59 -3.53
C ASN A 492 -28.08 -5.23 -3.94
N ASP A 493 -29.33 -5.64 -3.71
CA ASP A 493 -30.53 -4.89 -3.40
C ASP A 493 -30.64 -3.42 -3.60
N VAL A 494 -30.76 -3.27 -4.92
CA VAL A 494 -30.90 -1.99 -5.56
C VAL A 494 -32.17 -1.31 -5.14
N LEU A 495 -33.33 -1.87 -4.81
CA LEU A 495 -34.41 -0.94 -4.49
C LEU A 495 -34.42 -0.63 -3.04
N TYR A 496 -33.91 -1.53 -2.18
CA TYR A 496 -33.83 -1.21 -0.77
C TYR A 496 -32.89 -0.01 -0.72
N ASN A 497 -31.69 -0.10 -1.31
CA ASN A 497 -30.80 1.05 -1.31
C ASN A 497 -31.34 2.20 -2.09
N GLU A 498 -31.96 2.04 -3.25
CA GLU A 498 -32.58 3.14 -3.99
C GLU A 498 -33.43 4.00 -3.07
N VAL A 499 -34.30 3.50 -2.24
CA VAL A 499 -35.10 4.37 -1.42
C VAL A 499 -34.39 4.73 -0.09
N TYR A 500 -33.44 3.98 0.49
CA TYR A 500 -32.79 4.34 1.75
C TYR A 500 -32.15 5.74 1.74
N GLU A 501 -32.41 6.62 2.74
CA GLU A 501 -31.69 7.88 2.86
C GLU A 501 -30.64 7.82 3.95
N GLY A 502 -29.43 8.36 3.81
CA GLY A 502 -28.48 8.32 4.91
C GLY A 502 -28.80 9.39 5.97
N PRO A 503 -28.20 9.29 7.16
CA PRO A 503 -27.81 10.40 8.02
C PRO A 503 -26.88 11.40 7.35
N THR A 504 -26.84 12.54 7.99
CA THR A 504 -26.21 13.74 7.45
C THR A 504 -25.40 14.57 8.45
N LEU A 505 -24.45 15.37 8.02
CA LEU A 505 -23.69 16.19 8.94
C LEU A 505 -24.41 17.52 9.19
N THR A 506 -23.94 18.38 10.08
CA THR A 506 -24.59 19.66 10.29
C THR A 506 -24.00 20.65 9.32
N GLU A 507 -24.86 21.43 8.68
CA GLU A 507 -24.43 22.32 7.65
C GLU A 507 -24.18 23.67 8.28
N PHE A 508 -23.37 24.42 7.56
CA PHE A 508 -23.07 25.79 7.91
C PHE A 508 -24.35 26.55 7.68
N GLU A 509 -24.58 27.67 8.34
CA GLU A 509 -25.79 28.47 8.12
C GLU A 509 -26.07 29.10 6.74
N ASP A 510 -25.05 28.99 5.86
CA ASP A 510 -25.14 29.55 4.52
C ASP A 510 -24.57 28.56 3.51
N ALA A 511 -23.29 28.26 3.67
CA ALA A 511 -22.61 27.32 2.78
C ALA A 511 -21.59 28.13 1.98
N THR B 102 -3.14 30.90 1.23
CA THR B 102 -3.57 30.66 -0.14
C THR B 102 -4.85 31.46 -0.53
N LYS B 103 -5.13 32.69 -0.04
CA LYS B 103 -6.38 33.46 -0.26
C LYS B 103 -7.76 32.84 0.06
N GLU B 104 -7.84 31.52 0.39
CA GLU B 104 -9.05 30.89 0.93
C GLU B 104 -9.41 31.45 2.29
N ASP B 105 -8.44 31.99 3.02
CA ASP B 105 -8.64 32.67 4.29
C ASP B 105 -9.93 33.49 4.33
N ILE B 106 -10.30 34.03 3.15
CA ILE B 106 -11.55 34.76 2.94
C ILE B 106 -12.68 33.77 3.22
N ALA B 107 -12.73 32.73 2.37
CA ALA B 107 -13.72 31.67 2.43
C ALA B 107 -13.85 31.15 3.86
N ARG B 108 -12.71 30.79 4.39
CA ARG B 108 -12.65 30.30 5.73
C ARG B 108 -13.16 31.24 6.80
N LYS B 109 -12.84 32.54 6.89
CA LYS B 109 -13.40 33.34 7.98
C LYS B 109 -14.81 33.81 7.69
N GLU B 110 -15.31 33.63 6.48
CA GLU B 110 -16.71 33.92 6.26
C GLU B 110 -17.52 32.68 6.62
N GLN B 111 -16.97 31.43 6.50
CA GLN B 111 -17.56 30.15 6.96
C GLN B 111 -17.63 30.11 8.50
N LEU B 112 -16.42 30.27 9.01
CA LEU B 112 -16.10 30.27 10.42
C LEU B 112 -16.81 31.40 11.17
N LYS B 113 -16.74 32.65 10.72
CA LYS B 113 -17.48 33.71 11.42
C LYS B 113 -18.91 33.47 11.02
N SER B 114 -19.55 33.11 12.11
CA SER B 114 -20.98 32.94 12.17
C SER B 114 -21.75 32.38 10.96
N LEU B 115 -21.13 31.45 10.21
CA LEU B 115 -21.97 30.54 9.48
C LEU B 115 -21.93 29.27 10.35
N LEU B 116 -20.85 28.96 11.08
CA LEU B 116 -20.81 27.83 11.98
C LEU B 116 -22.06 27.59 12.79
N PRO B 117 -22.61 26.39 12.87
CA PRO B 117 -23.87 26.18 13.56
C PRO B 117 -23.71 26.42 15.05
N PRO B 118 -24.74 26.91 15.69
CA PRO B 118 -24.87 26.98 17.12
C PRO B 118 -24.35 25.75 17.77
N LEU B 119 -23.32 25.77 18.59
CA LEU B 119 -22.87 24.61 19.37
C LEU B 119 -23.98 23.65 19.91
N ASP B 120 -25.15 24.18 20.19
CA ASP B 120 -26.32 23.42 20.57
C ASP B 120 -26.75 22.51 19.44
N ASN B 121 -26.26 22.64 18.21
CA ASN B 121 -26.76 21.91 17.02
C ASN B 121 -25.79 20.88 16.52
N ILE B 122 -24.84 20.51 17.32
CA ILE B 122 -23.87 19.54 16.92
C ILE B 122 -24.43 18.27 17.58
N ILE B 123 -24.80 17.27 16.77
CA ILE B 123 -25.38 16.02 17.24
C ILE B 123 -24.40 14.92 17.55
N ASN B 124 -23.16 15.00 17.00
CA ASN B 124 -22.16 13.93 17.17
C ASN B 124 -20.83 14.48 16.75
N LEU B 125 -19.85 13.64 17.15
CA LEU B 125 -18.45 13.90 16.99
C LEU B 125 -18.12 14.07 15.54
N TYR B 126 -18.86 13.38 14.63
CA TYR B 126 -18.58 13.57 13.18
C TYR B 126 -18.94 15.02 12.78
N ASP B 127 -19.87 15.70 13.48
CA ASP B 127 -20.28 17.02 13.00
C ASP B 127 -19.10 17.92 13.19
N PHE B 128 -18.40 17.84 14.34
CA PHE B 128 -17.20 18.65 14.57
C PHE B 128 -16.20 18.37 13.47
N GLU B 129 -15.94 17.13 13.09
CA GLU B 129 -15.03 16.84 11.97
C GLU B 129 -15.51 17.43 10.66
N TYR B 130 -16.76 17.42 10.32
CA TYR B 130 -17.16 18.01 9.10
C TYR B 130 -16.83 19.49 9.12
N LEU B 131 -17.07 20.19 10.25
CA LEU B 131 -16.86 21.63 10.39
C LEU B 131 -15.38 21.99 10.36
N ALA B 132 -14.55 21.27 11.12
CA ALA B 132 -13.13 21.49 11.09
C ALA B 132 -12.70 21.35 9.65
N SER B 133 -13.05 20.31 8.90
CA SER B 133 -12.63 20.21 7.52
C SER B 133 -12.97 21.40 6.64
N GLN B 134 -14.13 22.05 6.73
CA GLN B 134 -14.35 23.19 5.84
C GLN B 134 -13.74 24.53 6.30
N THR B 135 -12.89 24.60 7.33
CA THR B 135 -12.45 25.87 7.91
C THR B 135 -10.98 25.85 8.30
N LEU B 136 -10.43 24.79 8.91
CA LEU B 136 -9.02 24.81 9.29
C LEU B 136 -8.08 25.05 8.12
N THR B 137 -6.84 25.48 8.37
CA THR B 137 -5.88 25.71 7.31
C THR B 137 -5.48 24.38 6.75
N LYS B 138 -5.18 24.29 5.43
CA LYS B 138 -4.75 23.05 4.76
C LYS B 138 -3.65 22.47 5.61
N GLN B 139 -2.70 23.32 5.97
CA GLN B 139 -1.61 23.04 6.88
C GLN B 139 -2.02 22.24 8.14
N ALA B 140 -3.06 22.70 8.83
CA ALA B 140 -3.53 22.03 10.00
C ALA B 140 -4.40 20.85 9.57
N TRP B 141 -5.51 20.93 8.79
CA TRP B 141 -6.34 19.75 8.42
C TRP B 141 -5.44 18.63 8.00
N ALA B 142 -4.61 18.81 6.94
CA ALA B 142 -3.57 17.85 6.62
C ALA B 142 -2.85 17.34 7.85
N PHE B 143 -2.20 18.09 8.75
CA PHE B 143 -1.50 17.49 9.90
C PHE B 143 -2.51 16.83 10.85
N TYR B 144 -3.78 17.24 10.97
CA TYR B 144 -4.67 16.63 11.93
C TYR B 144 -5.34 15.35 11.47
N SER B 145 -5.80 15.34 10.23
CA SER B 145 -6.61 14.27 9.64
C SER B 145 -5.97 13.03 8.94
N SER B 146 -4.68 13.20 8.64
CA SER B 146 -3.82 12.17 8.17
C SER B 146 -3.85 10.78 8.73
N GLY B 147 -3.03 9.94 8.08
CA GLY B 147 -2.75 8.58 8.44
C GLY B 147 -1.42 8.22 7.77
N ALA B 148 -0.73 7.14 8.12
CA ALA B 148 0.44 6.77 7.34
C ALA B 148 -0.06 6.16 6.07
N ASN B 149 -0.15 6.86 4.95
CA ASN B 149 -0.38 6.35 3.60
C ASN B 149 -1.19 5.14 3.35
N ASP B 150 -2.19 5.41 2.54
CA ASP B 150 -3.25 4.47 2.17
C ASP B 150 -4.23 4.49 3.33
N GLU B 151 -3.75 4.67 4.57
CA GLU B 151 -4.59 4.98 5.68
C GLU B 151 -5.48 3.81 5.82
N VAL B 152 -5.03 2.58 5.58
CA VAL B 152 -6.02 1.58 5.84
C VAL B 152 -6.05 1.34 7.36
N THR B 153 -5.03 1.17 8.20
CA THR B 153 -5.22 1.05 9.66
C THR B 153 -6.05 2.18 10.30
N HIS B 154 -5.85 3.41 9.81
CA HIS B 154 -6.60 4.57 10.26
C HIS B 154 -8.07 4.29 10.11
N ARG B 155 -8.67 4.00 8.93
CA ARG B 155 -10.08 3.65 8.82
C ARG B 155 -10.40 2.34 9.54
N GLU B 156 -9.53 1.34 9.43
CA GLU B 156 -9.74 0.06 10.04
C GLU B 156 -9.92 0.10 11.54
N ASN B 157 -9.39 1.12 12.21
CA ASN B 157 -9.47 1.19 13.67
C ASN B 157 -10.88 1.41 14.03
N HIS B 158 -11.54 2.29 13.29
CA HIS B 158 -12.95 2.50 13.50
C HIS B 158 -13.83 1.29 13.08
N ASN B 159 -13.76 0.94 11.77
CA ASN B 159 -14.60 -0.10 11.22
C ASN B 159 -14.47 -1.37 11.99
N ALA B 160 -13.40 -1.70 12.65
CA ALA B 160 -13.31 -2.93 13.41
C ALA B 160 -14.29 -2.95 14.55
N TYR B 161 -14.78 -1.78 14.98
CA TYR B 161 -15.82 -1.76 15.97
C TYR B 161 -17.11 -2.33 15.35
N HIS B 162 -17.21 -2.55 14.05
CA HIS B 162 -18.45 -2.94 13.39
C HIS B 162 -18.56 -4.44 13.15
N ARG B 163 -17.47 -5.14 13.30
CA ARG B 163 -17.50 -6.55 13.34
C ARG B 163 -18.05 -6.96 14.73
N ILE B 164 -18.41 -6.12 15.74
CA ILE B 164 -18.79 -6.60 17.08
C ILE B 164 -20.14 -5.96 17.28
N PHE B 165 -21.09 -6.84 17.70
CA PHE B 165 -22.46 -6.46 17.89
C PHE B 165 -22.76 -6.79 19.34
N PHE B 166 -23.90 -6.26 19.77
CA PHE B 166 -24.37 -6.36 21.14
C PHE B 166 -25.40 -7.46 21.39
N LYS B 167 -25.59 -7.96 22.59
CA LYS B 167 -26.55 -8.97 22.85
C LYS B 167 -27.20 -8.37 24.07
N PRO B 168 -28.08 -7.41 23.96
CA PRO B 168 -28.67 -6.60 25.04
C PRO B 168 -29.53 -7.36 26.01
N LYS B 169 -29.63 -6.93 27.31
CA LYS B 169 -30.44 -7.57 28.36
C LYS B 169 -31.75 -6.85 28.49
N ILE B 170 -32.94 -7.46 28.59
CA ILE B 170 -34.14 -6.63 28.78
C ILE B 170 -34.80 -6.95 30.12
N LEU B 171 -35.65 -6.00 30.54
CA LEU B 171 -36.33 -6.02 31.80
C LEU B 171 -35.27 -6.22 32.87
N VAL B 172 -34.43 -5.20 32.97
CA VAL B 172 -33.31 -5.09 33.90
C VAL B 172 -33.59 -3.70 34.38
N ASP B 173 -33.55 -3.37 35.68
CA ASP B 173 -33.84 -1.95 35.99
C ASP B 173 -32.78 -0.98 35.42
N VAL B 174 -33.13 0.04 34.68
CA VAL B 174 -32.09 0.93 34.20
C VAL B 174 -32.45 2.37 34.42
N ARG B 175 -33.26 2.76 35.42
CA ARG B 175 -33.55 4.17 35.75
C ARG B 175 -32.22 4.85 36.06
N LYS B 176 -31.37 4.16 36.81
CA LYS B 176 -30.17 4.79 37.27
C LYS B 176 -28.96 4.08 36.69
N VAL B 177 -28.02 4.72 35.96
CA VAL B 177 -26.84 4.08 35.33
C VAL B 177 -25.66 4.94 35.77
N ASP B 178 -24.46 4.37 36.02
CA ASP B 178 -23.29 5.09 36.51
C ASP B 178 -22.07 4.73 35.68
N ILE B 179 -21.53 5.75 35.00
CA ILE B 179 -20.41 5.51 34.07
C ILE B 179 -19.00 5.83 34.60
N SER B 180 -18.82 6.09 35.88
CA SER B 180 -17.52 6.49 36.41
C SER B 180 -16.60 5.32 36.59
N THR B 181 -15.33 5.47 36.54
CA THR B 181 -14.49 4.33 36.68
C THR B 181 -13.27 5.05 37.24
N ASP B 182 -12.38 4.15 37.60
CA ASP B 182 -11.12 4.49 38.17
C ASP B 182 -10.18 4.24 37.06
N MET B 183 -9.33 5.21 36.77
CA MET B 183 -8.31 4.91 35.81
C MET B 183 -7.00 5.36 36.41
N LEU B 184 -6.05 4.42 36.64
CA LEU B 184 -4.66 4.75 37.04
C LEU B 184 -4.58 5.53 38.37
N GLY B 185 -5.13 4.86 39.39
CA GLY B 185 -5.18 5.41 40.71
C GLY B 185 -6.37 6.30 41.00
N SER B 186 -6.57 7.34 40.24
CA SER B 186 -7.68 8.21 40.48
C SER B 186 -8.98 7.59 39.94
N HIS B 187 -10.09 8.05 40.50
CA HIS B 187 -11.40 7.68 40.04
C HIS B 187 -11.91 8.90 39.29
N VAL B 188 -12.07 8.64 37.97
CA VAL B 188 -12.60 9.62 37.01
C VAL B 188 -14.09 9.43 36.69
N ASP B 189 -14.69 10.51 36.18
CA ASP B 189 -16.12 10.61 35.87
C ASP B 189 -16.68 9.77 34.77
N VAL B 190 -16.13 9.85 33.56
CA VAL B 190 -16.57 9.07 32.40
C VAL B 190 -15.43 8.08 32.07
N PRO B 191 -15.57 6.93 31.38
CA PRO B 191 -14.49 6.03 30.95
C PRO B 191 -13.60 6.47 29.78
N PHE B 192 -13.71 7.64 29.16
CA PHE B 192 -12.87 8.01 28.04
C PHE B 192 -12.00 9.22 28.40
N TYR B 193 -10.89 9.47 27.69
CA TYR B 193 -10.02 10.57 27.96
C TYR B 193 -9.64 11.37 26.74
N VAL B 194 -9.22 12.61 26.90
CA VAL B 194 -8.67 13.34 25.80
C VAL B 194 -7.27 12.75 25.76
N SER B 195 -6.81 12.45 24.57
CA SER B 195 -5.58 11.81 24.33
C SER B 195 -4.78 12.94 23.73
N ALA B 196 -3.47 12.61 23.68
CA ALA B 196 -2.43 13.53 23.32
C ALA B 196 -2.13 14.04 21.93
N THR B 197 -2.97 14.79 21.25
CA THR B 197 -2.59 15.48 20.01
C THR B 197 -1.28 16.31 20.08
N ALA B 198 -0.35 16.30 19.11
CA ALA B 198 0.78 17.24 19.14
C ALA B 198 0.33 18.64 18.68
N LEU B 199 1.01 19.77 18.92
CA LEU B 199 0.63 21.10 18.44
C LEU B 199 -0.82 21.63 18.42
N CYS B 200 -1.71 21.49 19.44
CA CYS B 200 -3.07 22.03 19.36
C CYS B 200 -3.29 23.45 18.84
N LYS B 201 -2.23 24.24 18.61
CA LYS B 201 -2.39 25.59 18.14
C LYS B 201 -2.67 25.72 16.68
N LEU B 202 -2.37 24.75 15.84
CA LEU B 202 -2.71 24.92 14.43
C LEU B 202 -4.20 25.28 14.11
N GLY B 203 -5.19 24.78 14.90
CA GLY B 203 -6.57 25.09 14.61
C GLY B 203 -7.15 26.05 15.61
N ASN B 204 -6.48 26.14 16.76
CA ASN B 204 -6.86 27.01 17.87
C ASN B 204 -5.56 27.73 18.19
N PRO B 205 -5.29 28.79 17.43
CA PRO B 205 -4.00 29.45 17.49
C PRO B 205 -3.90 30.19 18.81
N LEU B 206 -5.03 30.77 19.21
CA LEU B 206 -5.14 31.59 20.39
C LEU B 206 -4.80 30.98 21.74
N GLU B 207 -5.27 29.76 22.07
CA GLU B 207 -5.08 29.19 23.39
C GLU B 207 -4.56 27.79 23.35
N GLY B 208 -4.51 27.15 22.16
CA GLY B 208 -3.95 25.82 22.01
C GLY B 208 -4.42 24.80 23.05
N GLU B 209 -3.47 24.05 23.62
CA GLU B 209 -3.89 22.98 24.51
C GLU B 209 -4.37 23.39 25.90
N LYS B 210 -4.47 24.70 26.15
CA LYS B 210 -4.95 25.19 27.43
C LYS B 210 -6.46 25.15 27.30
N ASP B 211 -7.01 25.48 26.10
CA ASP B 211 -8.44 25.35 25.90
C ASP B 211 -8.95 23.91 26.09
N VAL B 212 -8.16 22.84 25.85
CA VAL B 212 -8.65 21.49 26.05
C VAL B 212 -8.70 21.39 27.55
N ALA B 213 -7.62 21.58 28.35
CA ALA B 213 -7.63 21.66 29.82
C ALA B 213 -8.89 22.32 30.39
N ARG B 214 -9.19 23.52 29.93
CA ARG B 214 -10.40 24.21 30.38
C ARG B 214 -11.68 23.48 29.98
N GLY B 215 -11.81 22.99 28.74
CA GLY B 215 -12.97 22.24 28.31
C GLY B 215 -13.09 20.94 29.11
N CYS B 216 -12.00 20.33 29.53
CA CYS B 216 -12.10 19.10 30.26
C CYS B 216 -12.40 19.20 31.75
N GLY B 217 -12.50 20.44 32.27
CA GLY B 217 -12.91 20.67 33.65
C GLY B 217 -13.94 21.79 33.84
N GLN B 218 -14.31 22.51 32.78
CA GLN B 218 -15.24 23.59 32.98
C GLN B 218 -16.72 23.31 33.19
N GLY B 219 -17.11 22.09 32.95
CA GLY B 219 -18.51 21.74 33.00
C GLY B 219 -18.67 20.72 34.08
N VAL B 220 -19.74 19.94 33.98
CA VAL B 220 -20.03 19.02 35.06
C VAL B 220 -19.01 17.89 35.09
N THR B 221 -18.49 17.47 33.93
CA THR B 221 -17.61 16.33 33.93
C THR B 221 -16.16 16.67 33.63
N LYS B 222 -15.35 15.91 34.35
CA LYS B 222 -13.92 15.95 34.19
C LYS B 222 -13.57 14.72 33.38
N VAL B 223 -12.69 14.91 32.42
CA VAL B 223 -12.21 13.88 31.51
C VAL B 223 -10.69 14.07 31.60
N PRO B 224 -9.92 13.06 31.98
CA PRO B 224 -8.46 13.07 31.90
C PRO B 224 -7.81 13.76 30.67
N GLN B 225 -6.66 14.45 30.85
CA GLN B 225 -6.03 15.13 29.73
C GLN B 225 -4.68 14.51 29.68
N MET B 226 -4.21 14.35 28.47
CA MET B 226 -2.93 13.73 28.25
C MET B 226 -2.25 14.83 27.45
N ILE B 227 -1.03 15.21 27.92
CA ILE B 227 -0.35 16.31 27.29
C ILE B 227 0.83 15.74 26.55
N SER B 228 0.95 16.38 25.39
CA SER B 228 1.96 15.99 24.44
C SER B 228 3.32 16.53 24.80
N THR B 229 4.40 15.73 24.89
CA THR B 229 5.77 16.23 24.95
C THR B 229 5.93 17.25 23.82
N LEU B 230 5.23 17.16 22.68
CA LEU B 230 5.34 18.15 21.60
C LEU B 230 4.08 18.99 21.39
N ALA B 231 3.52 19.37 22.55
CA ALA B 231 2.37 20.29 22.70
C ALA B 231 2.81 21.65 22.21
N SER B 232 1.98 22.58 21.76
CA SER B 232 2.54 23.87 21.43
C SER B 232 2.15 24.93 22.48
N CYS B 233 2.39 24.59 23.76
CA CYS B 233 2.12 25.39 24.96
C CYS B 233 2.93 24.63 26.02
N SER B 234 3.57 25.24 27.02
CA SER B 234 4.49 24.52 27.89
C SER B 234 3.73 23.76 28.93
N PRO B 235 4.22 22.78 29.66
CA PRO B 235 3.41 21.92 30.53
C PRO B 235 2.72 22.75 31.60
N GLU B 236 3.60 23.66 32.06
CA GLU B 236 3.36 24.68 33.08
C GLU B 236 2.11 25.41 32.66
N GLU B 237 2.12 26.11 31.53
CA GLU B 237 0.93 26.76 30.97
C GLU B 237 -0.41 25.99 31.07
N ILE B 238 -0.33 24.81 30.47
CA ILE B 238 -1.44 23.90 30.28
C ILE B 238 -1.99 23.48 31.63
N ILE B 239 -1.12 23.04 32.54
CA ILE B 239 -1.59 22.54 33.83
C ILE B 239 -2.21 23.65 34.65
N GLU B 240 -1.60 24.81 34.50
CA GLU B 240 -2.04 25.98 35.21
C GLU B 240 -3.33 26.49 34.57
N ALA B 241 -3.72 26.14 33.33
CA ALA B 241 -5.02 26.55 32.74
C ALA B 241 -6.23 25.81 33.31
N ALA B 242 -5.99 24.63 33.89
CA ALA B 242 -7.01 23.73 34.39
C ALA B 242 -8.00 24.40 35.31
N PRO B 243 -9.32 24.30 35.12
CA PRO B 243 -10.29 24.81 36.05
C PRO B 243 -10.46 24.09 37.36
N SER B 244 -10.05 22.85 37.58
CA SER B 244 -10.30 22.24 38.89
C SER B 244 -9.06 21.69 39.54
N ASP B 245 -9.12 21.51 40.87
CA ASP B 245 -8.15 20.70 41.58
C ASP B 245 -8.45 19.27 41.18
N LYS B 246 -9.77 19.08 41.00
CA LYS B 246 -10.36 17.81 40.68
C LYS B 246 -10.16 17.21 39.28
N GLN B 247 -9.90 17.99 38.24
CA GLN B 247 -9.66 17.37 36.96
C GLN B 247 -8.28 16.74 36.96
N ILE B 248 -8.07 15.57 36.35
CA ILE B 248 -6.77 14.92 36.28
C ILE B 248 -6.16 14.99 34.85
N GLN B 249 -4.84 15.18 34.84
CA GLN B 249 -3.95 15.43 33.72
C GLN B 249 -2.91 14.29 33.73
N TRP B 250 -2.37 13.81 32.59
CA TRP B 250 -1.31 12.82 32.48
C TRP B 250 -0.25 13.36 31.51
N TYR B 251 0.94 12.80 31.48
CA TYR B 251 1.93 13.41 30.64
C TYR B 251 2.44 12.29 29.79
N GLN B 252 2.48 12.52 28.46
CA GLN B 252 3.06 11.56 27.54
C GLN B 252 4.32 12.26 27.12
N LEU B 253 5.28 11.38 27.29
CA LEU B 253 6.66 11.68 27.17
C LEU B 253 7.15 10.97 25.92
N TYR B 254 7.81 11.74 25.09
CA TYR B 254 8.57 11.09 24.05
C TYR B 254 9.92 11.13 24.69
N VAL B 255 10.71 10.10 24.99
CA VAL B 255 12.04 10.42 25.45
C VAL B 255 12.96 10.94 24.32
N ASN B 256 13.96 11.76 24.68
CA ASN B 256 14.88 12.37 23.74
C ASN B 256 16.14 11.55 23.78
N SER B 257 16.88 11.73 22.71
CA SER B 257 18.21 11.21 22.55
C SER B 257 19.10 11.92 23.58
N ASP B 258 18.90 13.24 23.84
CA ASP B 258 19.65 13.85 24.93
C ASP B 258 18.89 13.61 26.21
N ARG B 259 19.21 12.46 26.74
CA ARG B 259 18.48 11.96 27.89
C ARG B 259 18.34 12.89 29.07
N LYS B 260 19.29 13.83 29.27
CA LYS B 260 19.16 14.71 30.43
C LYS B 260 17.94 15.63 30.20
N ILE B 261 17.63 16.07 28.94
CA ILE B 261 16.47 16.92 28.61
C ILE B 261 15.19 16.32 29.16
N THR B 262 15.02 15.08 28.73
CA THR B 262 13.90 14.31 29.21
C THR B 262 13.95 14.18 30.73
N ASP B 263 15.09 13.74 31.27
CA ASP B 263 15.23 13.51 32.67
C ASP B 263 14.82 14.71 33.54
N ASP B 264 15.10 15.91 33.05
CA ASP B 264 14.69 17.08 33.78
C ASP B 264 13.18 17.14 33.64
N LEU B 265 12.68 17.01 32.41
CA LEU B 265 11.26 17.09 32.11
C LEU B 265 10.44 16.18 33.01
N VAL B 266 10.83 14.93 33.25
CA VAL B 266 10.03 14.05 34.08
C VAL B 266 9.92 14.74 35.45
N LYS B 267 11.06 15.10 36.06
CA LYS B 267 11.00 15.63 37.41
C LYS B 267 10.28 16.98 37.48
N ASN B 268 10.28 17.69 36.34
CA ASN B 268 9.56 18.94 36.22
C ASN B 268 8.07 18.70 36.13
N VAL B 269 7.60 17.64 35.45
CA VAL B 269 6.15 17.51 35.35
C VAL B 269 5.64 16.85 36.62
N GLU B 270 6.40 15.94 37.25
CA GLU B 270 5.97 15.37 38.52
C GLU B 270 5.66 16.46 39.54
N LYS B 271 6.55 17.47 39.60
CA LYS B 271 6.51 18.69 40.40
C LYS B 271 5.26 19.47 40.05
N LEU B 272 5.05 19.68 38.76
CA LEU B 272 3.87 20.35 38.27
C LEU B 272 2.54 19.61 38.51
N GLY B 273 2.69 18.40 39.05
CA GLY B 273 1.57 17.65 39.53
C GLY B 273 0.94 16.79 38.48
N VAL B 274 1.54 16.39 37.34
CA VAL B 274 0.81 15.45 36.46
C VAL B 274 0.62 14.08 37.13
N LYS B 275 -0.39 13.34 36.68
CA LYS B 275 -0.74 12.22 37.49
C LYS B 275 -0.25 10.86 37.03
N ALA B 276 0.41 10.81 35.86
CA ALA B 276 1.13 9.61 35.38
C ALA B 276 1.91 9.91 34.11
N LEU B 277 2.72 8.96 33.71
CA LEU B 277 3.54 9.11 32.52
C LEU B 277 3.19 8.03 31.51
N PHE B 278 2.99 8.55 30.31
CA PHE B 278 2.61 7.78 29.18
C PHE B 278 3.82 7.86 28.29
N VAL B 279 4.69 6.86 28.24
CA VAL B 279 5.86 6.91 27.35
C VAL B 279 5.29 6.60 25.96
N THR B 280 5.37 7.30 24.83
CA THR B 280 4.78 6.83 23.58
C THR B 280 5.83 6.01 22.88
N VAL B 281 5.71 4.69 22.77
CA VAL B 281 6.80 3.87 22.26
C VAL B 281 6.67 3.34 20.86
N ASP B 282 5.80 3.94 20.08
CA ASP B 282 5.52 3.43 18.76
C ASP B 282 5.94 4.44 17.70
N ALA B 283 6.72 5.40 18.09
CA ALA B 283 7.08 6.37 17.10
C ALA B 283 8.59 6.54 16.94
N PRO B 284 9.45 5.50 16.95
CA PRO B 284 10.87 5.62 16.70
C PRO B 284 11.23 6.59 15.62
N SER B 285 10.38 6.65 14.59
CA SER B 285 10.44 7.67 13.53
C SER B 285 8.99 7.93 13.29
N LEU B 286 8.66 9.10 12.84
CA LEU B 286 7.28 9.47 12.79
C LEU B 286 6.89 9.11 11.35
N GLY B 287 5.94 8.18 11.25
CA GLY B 287 5.30 7.72 10.02
C GLY B 287 5.02 8.77 8.93
N GLN B 288 4.96 8.28 7.67
CA GLN B 288 4.75 9.10 6.47
C GLN B 288 3.33 9.63 6.34
N ARG B 289 3.02 10.81 6.86
CA ARG B 289 1.70 11.35 6.72
C ARG B 289 1.65 12.14 5.41
N GLU B 290 1.73 11.40 4.31
CA GLU B 290 1.57 11.92 2.96
C GLU B 290 0.69 13.13 2.71
N LYS B 291 -0.46 13.34 3.40
CA LYS B 291 -1.28 14.56 3.24
C LYS B 291 -0.53 15.81 3.66
N ASP B 292 0.30 15.69 4.71
CA ASP B 292 1.23 16.74 5.11
C ASP B 292 2.27 17.00 4.02
N MET B 293 3.13 16.02 3.79
CA MET B 293 4.15 16.05 2.76
C MET B 293 3.59 16.77 1.59
N LYS B 294 2.52 16.37 0.91
CA LYS B 294 1.94 17.06 -0.25
C LYS B 294 1.77 18.57 -0.18
N LEU B 295 2.05 19.20 0.94
CA LEU B 295 1.86 20.59 1.14
C LEU B 295 3.07 21.18 1.78
N LYS B 296 3.85 20.41 2.53
CA LYS B 296 5.12 20.87 3.04
C LYS B 296 5.93 21.55 1.89
N PHE B 325 13.70 14.66 18.41
CA PHE B 325 12.82 14.82 19.55
C PHE B 325 12.62 13.41 20.10
N ILE B 326 12.12 12.50 19.26
CA ILE B 326 11.89 11.13 19.67
C ILE B 326 13.22 10.41 19.62
N ASP B 327 13.66 9.62 20.57
CA ASP B 327 14.87 8.81 20.40
C ASP B 327 14.41 7.63 19.52
N PRO B 328 15.16 7.05 18.55
CA PRO B 328 15.05 5.67 17.99
C PRO B 328 15.50 4.49 18.78
N SER B 329 16.18 4.72 19.89
CA SER B 329 16.77 3.59 20.59
C SER B 329 16.01 3.07 21.77
N LEU B 330 14.83 3.60 22.15
CA LEU B 330 14.15 3.10 23.32
C LEU B 330 14.02 1.60 23.26
N THR B 331 13.92 0.98 24.39
CA THR B 331 14.14 -0.44 24.52
C THR B 331 13.59 -0.76 25.89
N TRP B 332 13.06 -1.92 26.19
CA TRP B 332 12.59 -2.23 27.54
C TRP B 332 13.46 -1.79 28.74
N LYS B 333 14.80 -1.99 28.77
CA LYS B 333 15.72 -1.50 29.82
C LYS B 333 15.63 0.00 30.07
N ASP B 334 15.45 0.82 29.04
CA ASP B 334 15.30 2.23 29.22
C ASP B 334 14.05 2.50 30.00
N ILE B 335 13.02 1.64 29.95
CA ILE B 335 11.79 1.88 30.69
C ILE B 335 12.08 1.45 32.11
N GLU B 336 12.74 0.31 32.26
CA GLU B 336 13.15 -0.22 33.56
C GLU B 336 13.86 0.83 34.39
N GLU B 337 14.89 1.52 33.85
CA GLU B 337 15.52 2.58 34.58
C GLU B 337 14.46 3.65 34.77
N LEU B 338 13.71 4.21 33.82
CA LEU B 338 12.72 5.26 34.08
C LEU B 338 11.75 4.85 35.17
N LYS B 339 11.53 3.57 35.43
CA LYS B 339 10.71 3.18 36.56
C LYS B 339 11.38 3.69 37.84
N LYS B 340 12.64 3.25 37.99
CA LYS B 340 13.49 3.50 39.16
C LYS B 340 13.68 4.99 39.42
N LYS B 341 13.52 5.82 38.40
CA LYS B 341 13.77 7.24 38.46
C LYS B 341 12.51 8.09 38.68
N THR B 342 11.31 7.53 39.01
CA THR B 342 10.07 8.30 39.25
C THR B 342 9.00 7.53 40.04
N LYS B 343 8.09 8.36 40.57
CA LYS B 343 7.02 7.92 41.44
C LYS B 343 5.74 7.75 40.67
N LEU B 344 5.59 8.57 39.61
CA LEU B 344 4.43 8.50 38.76
C LEU B 344 4.21 7.13 38.12
N PRO B 345 2.95 6.65 37.95
CA PRO B 345 2.62 5.41 37.20
C PRO B 345 2.93 5.60 35.71
N ILE B 346 3.53 4.57 35.14
CA ILE B 346 4.11 4.63 33.78
C ILE B 346 3.25 3.76 32.92
N VAL B 347 2.89 4.19 31.73
CA VAL B 347 2.08 3.41 30.82
C VAL B 347 2.85 3.55 29.51
N ILE B 348 3.15 2.40 28.90
CA ILE B 348 3.76 2.26 27.58
C ILE B 348 2.63 2.57 26.61
N LYS B 349 2.61 3.66 25.87
CA LYS B 349 1.54 4.00 24.93
C LYS B 349 2.00 3.61 23.54
N GLY B 350 1.34 2.60 22.94
CA GLY B 350 1.58 2.22 21.56
C GLY B 350 1.78 0.74 21.40
N VAL B 351 1.32 -0.06 22.39
CA VAL B 351 1.57 -1.49 22.25
C VAL B 351 0.68 -2.02 21.17
N GLN B 352 1.16 -3.07 20.43
CA GLN B 352 0.46 -3.61 19.25
C GLN B 352 0.57 -5.11 19.04
N ARG B 353 0.74 -5.89 20.10
CA ARG B 353 0.61 -7.33 19.96
C ARG B 353 0.60 -7.82 21.37
N THR B 354 -0.03 -8.93 21.75
CA THR B 354 -0.01 -9.41 23.12
C THR B 354 1.41 -9.59 23.63
N GLU B 355 2.39 -10.05 22.87
CA GLU B 355 3.69 -10.26 23.44
C GLU B 355 4.31 -9.02 23.98
N ASP B 356 3.88 -7.82 23.73
CA ASP B 356 4.45 -6.69 24.42
C ASP B 356 3.60 -6.22 25.57
N VAL B 357 2.38 -6.69 25.63
CA VAL B 357 1.52 -6.36 26.74
C VAL B 357 2.11 -7.21 27.86
N ILE B 358 2.42 -8.47 27.60
CA ILE B 358 2.97 -9.35 28.58
C ILE B 358 4.38 -8.87 28.96
N LYS B 359 5.28 -8.41 28.09
CA LYS B 359 6.51 -7.76 28.57
C LYS B 359 6.14 -6.57 29.46
N ALA B 360 5.22 -5.69 29.03
CA ALA B 360 4.87 -4.52 29.81
C ALA B 360 4.47 -4.92 31.23
N ALA B 361 3.90 -6.12 31.34
CA ALA B 361 3.59 -6.69 32.63
C ALA B 361 4.87 -7.22 33.29
N GLU B 362 5.62 -8.18 32.70
CA GLU B 362 6.84 -8.69 33.30
C GLU B 362 7.76 -7.54 33.71
N ILE B 363 7.95 -6.38 33.07
CA ILE B 363 8.83 -5.35 33.63
C ILE B 363 8.16 -4.43 34.68
N GLY B 364 6.87 -4.59 34.96
CA GLY B 364 6.18 -3.75 35.94
C GLY B 364 5.68 -2.36 35.53
N VAL B 365 5.23 -1.94 34.35
CA VAL B 365 4.61 -0.60 34.24
C VAL B 365 3.14 -0.68 34.66
N SER B 366 2.45 0.44 34.92
CA SER B 366 1.07 0.44 35.39
C SER B 366 0.10 0.00 34.31
N GLY B 367 0.32 0.57 33.13
CA GLY B 367 -0.55 0.29 32.02
C GLY B 367 0.22 0.04 30.74
N VAL B 368 -0.61 -0.14 29.69
CA VAL B 368 -0.27 -0.36 28.31
C VAL B 368 -1.42 0.24 27.56
N VAL B 369 -1.20 1.15 26.64
CA VAL B 369 -2.27 1.68 25.80
C VAL B 369 -2.06 0.96 24.51
N LEU B 370 -3.06 0.15 24.18
CA LEU B 370 -3.10 -0.57 22.92
C LEU B 370 -3.27 0.52 21.85
N SER B 371 -2.31 0.78 20.95
CA SER B 371 -2.46 1.84 19.99
C SER B 371 -1.41 1.64 18.95
N ASN B 372 -1.75 2.16 17.77
CA ASN B 372 -0.97 2.18 16.51
C ASN B 372 -0.83 3.67 16.07
N HIS B 373 -0.98 4.56 17.05
CA HIS B 373 -0.84 5.99 16.98
C HIS B 373 -1.83 6.74 16.11
N GLY B 374 -3.09 6.31 16.06
CA GLY B 374 -4.10 6.94 15.19
C GLY B 374 -4.04 6.43 13.75
N GLY B 375 -3.47 5.23 13.56
CA GLY B 375 -3.14 4.75 12.26
C GLY B 375 -2.26 5.77 11.51
N ARG B 376 -1.33 6.44 12.26
CA ARG B 376 -0.35 7.35 11.62
C ARG B 376 1.08 6.83 11.71
N GLN B 377 1.32 5.70 12.32
CA GLN B 377 2.65 5.17 12.25
C GLN B 377 2.73 4.05 11.21
N LEU B 378 2.85 2.72 11.44
CA LEU B 378 2.84 1.66 10.42
C LEU B 378 1.44 1.48 9.82
N ASP B 379 1.27 1.55 8.49
CA ASP B 379 -0.04 1.36 7.96
C ASP B 379 -0.58 -0.06 7.96
N PHE B 380 -0.15 -1.34 7.87
CA PHE B 380 -1.24 -2.38 7.87
C PHE B 380 -1.40 -2.96 9.22
N SER B 381 -1.47 -2.02 10.14
CA SER B 381 -1.45 -2.41 11.53
C SER B 381 -2.84 -2.88 11.98
N ARG B 382 -2.96 -3.84 12.91
CA ARG B 382 -4.29 -4.31 13.22
C ARG B 382 -5.01 -3.25 13.98
N ALA B 383 -6.31 -3.44 14.00
CA ALA B 383 -7.10 -2.52 14.72
C ALA B 383 -6.97 -2.78 16.24
N PRO B 384 -6.84 -1.75 17.09
CA PRO B 384 -6.76 -1.89 18.55
C PRO B 384 -7.78 -2.78 19.22
N ILE B 385 -9.09 -2.63 19.00
CA ILE B 385 -10.14 -3.52 19.56
C ILE B 385 -9.88 -4.96 19.16
N GLU B 386 -9.26 -5.19 18.04
CA GLU B 386 -9.08 -6.55 17.65
C GLU B 386 -7.92 -7.14 18.42
N VAL B 387 -6.91 -6.35 18.74
CA VAL B 387 -5.83 -6.90 19.56
C VAL B 387 -6.42 -7.13 20.99
N LEU B 388 -7.15 -6.19 21.64
CA LEU B 388 -7.77 -6.28 22.97
C LEU B 388 -8.53 -7.59 23.12
N ALA B 389 -9.41 -7.89 22.18
CA ALA B 389 -10.21 -9.09 22.19
C ALA B 389 -9.41 -10.37 22.32
N GLU B 390 -8.19 -10.29 21.79
CA GLU B 390 -7.23 -11.37 21.78
C GLU B 390 -6.20 -11.27 22.89
N THR B 391 -5.87 -10.07 23.45
CA THR B 391 -4.85 -10.03 24.51
C THR B 391 -5.50 -10.19 25.88
N MET B 392 -6.70 -9.71 26.15
CA MET B 392 -7.27 -9.92 27.45
C MET B 392 -7.44 -11.36 27.82
N PRO B 393 -7.89 -12.38 27.05
CA PRO B 393 -8.09 -13.75 27.52
C PRO B 393 -6.74 -14.23 27.96
N ILE B 394 -5.67 -14.13 27.16
CA ILE B 394 -4.30 -14.40 27.58
C ILE B 394 -4.01 -13.80 28.96
N LEU B 395 -4.20 -12.50 29.24
CA LEU B 395 -3.95 -11.97 30.55
C LEU B 395 -4.83 -12.66 31.60
N GLU B 396 -5.98 -13.27 31.31
CA GLU B 396 -6.62 -14.16 32.28
C GLU B 396 -5.92 -15.51 32.33
N GLN B 397 -5.56 -16.20 31.25
CA GLN B 397 -4.85 -17.47 31.35
C GLN B 397 -3.56 -17.28 32.11
N ARG B 398 -2.88 -16.14 31.99
CA ARG B 398 -1.64 -15.91 32.69
C ARG B 398 -1.92 -15.18 34.00
N ASN B 399 -3.17 -14.97 34.35
CA ASN B 399 -3.54 -14.30 35.58
C ASN B 399 -2.97 -12.90 35.81
N LEU B 400 -2.23 -12.32 34.86
CA LEU B 400 -1.67 -11.03 35.19
C LEU B 400 -2.57 -9.85 34.87
N LYS B 401 -3.82 -10.20 34.62
CA LYS B 401 -4.88 -9.28 34.28
C LYS B 401 -5.06 -8.14 35.25
N ASP B 402 -5.02 -8.45 36.54
CA ASP B 402 -5.24 -7.44 37.59
C ASP B 402 -4.01 -6.54 37.81
N LYS B 403 -2.90 -7.07 37.35
CA LYS B 403 -1.66 -6.38 37.46
C LYS B 403 -1.45 -5.23 36.48
N LEU B 404 -2.34 -5.01 35.53
CA LEU B 404 -2.05 -4.19 34.35
C LEU B 404 -3.19 -3.38 33.76
N GLU B 405 -3.18 -2.06 33.65
CA GLU B 405 -4.34 -1.37 33.10
C GLU B 405 -4.24 -1.25 31.58
N VAL B 406 -5.02 -2.02 30.79
CA VAL B 406 -4.97 -1.90 29.35
C VAL B 406 -5.91 -0.83 28.89
N PHE B 407 -5.50 0.23 28.20
CA PHE B 407 -6.39 1.24 27.66
C PHE B 407 -6.40 0.87 26.15
N VAL B 408 -7.09 1.62 25.25
CA VAL B 408 -7.31 1.25 23.82
C VAL B 408 -7.53 2.60 23.14
N ASP B 409 -7.06 2.98 21.95
CA ASP B 409 -7.58 4.23 21.36
C ASP B 409 -7.61 4.07 19.82
N GLY B 410 -8.02 5.12 19.09
CA GLY B 410 -8.10 5.02 17.65
C GLY B 410 -9.48 4.45 17.29
N GLY B 411 -10.04 5.22 16.37
CA GLY B 411 -11.36 5.12 15.79
C GLY B 411 -12.54 5.39 16.69
N VAL B 412 -12.53 5.66 18.02
CA VAL B 412 -13.79 5.73 18.80
C VAL B 412 -14.42 7.04 18.38
N ARG B 413 -15.70 6.98 18.13
CA ARG B 413 -16.37 8.14 17.59
C ARG B 413 -17.77 8.06 18.04
N ARG B 414 -18.13 7.08 18.87
CA ARG B 414 -19.52 6.84 19.20
C ARG B 414 -19.62 6.24 20.62
N GLY B 415 -20.69 6.36 21.41
CA GLY B 415 -20.65 5.81 22.76
C GLY B 415 -20.51 4.30 22.70
N THR B 416 -21.17 3.67 21.72
CA THR B 416 -21.13 2.23 21.53
C THR B 416 -19.78 1.69 21.13
N ASP B 417 -18.81 2.47 20.70
CA ASP B 417 -17.51 1.96 20.41
C ASP B 417 -16.86 1.91 21.79
N VAL B 418 -16.99 2.95 22.65
CA VAL B 418 -16.41 2.93 24.00
C VAL B 418 -17.04 1.75 24.73
N LEU B 419 -18.34 1.54 24.74
CA LEU B 419 -18.89 0.33 25.32
C LEU B 419 -18.37 -0.99 24.74
N LYS B 420 -18.06 -1.15 23.44
CA LYS B 420 -17.51 -2.40 22.94
C LYS B 420 -16.13 -2.57 23.52
N ALA B 421 -15.35 -1.51 23.61
CA ALA B 421 -14.03 -1.53 24.24
C ALA B 421 -14.13 -1.79 25.73
N LEU B 422 -14.99 -1.15 26.55
CA LEU B 422 -15.05 -1.42 27.99
C LEU B 422 -15.56 -2.82 28.16
N CYS B 423 -16.57 -3.33 27.48
CA CYS B 423 -16.99 -4.74 27.62
C CYS B 423 -15.84 -5.69 27.37
N LEU B 424 -14.84 -5.34 26.56
CA LEU B 424 -13.83 -6.34 26.35
C LEU B 424 -12.69 -6.28 27.36
N GLY B 425 -12.61 -5.27 28.21
CA GLY B 425 -11.52 -5.27 29.15
C GLY B 425 -10.83 -3.96 29.38
N ALA B 426 -10.87 -3.03 28.44
CA ALA B 426 -10.16 -1.79 28.63
C ALA B 426 -10.68 -1.01 29.80
N LYS B 427 -9.72 -0.48 30.56
CA LYS B 427 -9.91 0.34 31.75
C LYS B 427 -10.55 1.65 31.40
N GLY B 428 -10.19 2.17 30.24
CA GLY B 428 -10.66 3.45 29.74
C GLY B 428 -10.28 3.51 28.26
N VAL B 429 -10.85 4.38 27.46
CA VAL B 429 -10.52 4.35 26.04
C VAL B 429 -10.12 5.76 25.56
N GLY B 430 -9.29 6.04 24.55
CA GLY B 430 -8.98 7.42 24.30
C GLY B 430 -9.30 7.92 22.90
N LEU B 431 -9.37 9.24 22.83
CA LEU B 431 -9.73 9.92 21.61
C LEU B 431 -8.83 11.08 21.33
N GLY B 432 -8.12 11.08 20.22
CA GLY B 432 -7.32 12.21 19.81
C GLY B 432 -8.17 13.17 18.98
N ARG B 433 -8.31 12.90 17.68
CA ARG B 433 -8.97 13.78 16.73
C ARG B 433 -10.31 14.39 17.06
N PRO B 434 -11.35 13.74 17.61
CA PRO B 434 -12.62 14.41 17.89
C PRO B 434 -12.42 15.68 18.74
N PHE B 435 -11.69 15.55 19.85
CA PHE B 435 -11.31 16.65 20.74
C PHE B 435 -10.55 17.71 20.01
N LEU B 436 -9.46 17.30 19.36
CA LEU B 436 -8.75 18.17 18.43
C LEU B 436 -9.69 18.86 17.47
N TYR B 437 -10.73 18.36 16.84
CA TYR B 437 -11.44 19.26 15.93
C TYR B 437 -12.56 19.95 16.71
N ALA B 438 -12.95 19.50 17.91
CA ALA B 438 -13.99 20.21 18.63
C ALA B 438 -13.31 21.44 19.19
N ASN B 439 -12.05 21.33 19.65
CA ASN B 439 -11.27 22.46 20.13
C ASN B 439 -11.02 23.48 19.03
N SER B 440 -10.39 23.10 17.93
CA SER B 440 -10.16 23.96 16.81
C SER B 440 -11.41 24.60 16.27
N CYS B 441 -12.60 24.06 16.49
CA CYS B 441 -13.80 24.76 16.04
C CYS B 441 -14.52 25.62 17.10
N TYR B 442 -14.53 25.13 18.33
CA TYR B 442 -15.34 25.74 19.35
C TYR B 442 -14.46 25.86 20.59
N GLY B 443 -13.13 25.81 20.47
CA GLY B 443 -12.21 25.92 21.61
C GLY B 443 -12.69 25.17 22.84
N ARG B 444 -12.40 25.68 24.06
CA ARG B 444 -12.77 25.03 25.32
C ARG B 444 -14.23 24.62 25.36
N ASN B 445 -15.10 25.49 24.84
CA ASN B 445 -16.52 25.14 24.87
C ASN B 445 -16.83 23.92 24.00
N GLY B 446 -16.16 23.76 22.86
CA GLY B 446 -16.30 22.62 21.96
C GLY B 446 -15.74 21.40 22.65
N VAL B 447 -14.55 21.41 23.26
CA VAL B 447 -14.11 20.25 24.04
C VAL B 447 -15.08 19.93 25.18
N GLU B 448 -15.86 20.88 25.72
CA GLU B 448 -16.75 20.57 26.82
C GLU B 448 -17.92 19.84 26.24
N LYS B 449 -18.48 20.39 25.14
CA LYS B 449 -19.61 19.80 24.44
C LYS B 449 -19.29 18.38 23.95
N ALA B 450 -18.17 18.13 23.24
CA ALA B 450 -17.78 16.78 22.83
C ALA B 450 -17.81 15.86 24.01
N ILE B 451 -17.42 16.30 25.21
CA ILE B 451 -17.47 15.44 26.39
C ILE B 451 -18.91 15.11 26.80
N GLU B 452 -19.81 16.09 26.85
CA GLU B 452 -21.22 15.85 27.11
C GLU B 452 -21.78 14.87 26.06
N ILE B 453 -21.56 15.10 24.73
CA ILE B 453 -22.06 14.28 23.61
C ILE B 453 -21.77 12.75 23.70
N LEU B 454 -20.51 12.41 23.84
CA LEU B 454 -20.07 11.06 24.03
C LEU B 454 -20.56 10.55 25.41
N ARG B 455 -20.64 11.37 26.48
CA ARG B 455 -21.09 10.92 27.82
C ARG B 455 -22.55 10.62 27.68
N ASP B 456 -23.34 11.33 26.87
CA ASP B 456 -24.71 10.97 26.72
C ASP B 456 -24.85 9.68 25.94
N GLU B 457 -24.02 9.50 24.90
CA GLU B 457 -24.11 8.26 24.15
C GLU B 457 -23.80 7.05 25.01
N ILE B 458 -22.76 7.12 25.81
CA ILE B 458 -22.40 5.96 26.64
C ILE B 458 -23.53 5.70 27.63
N GLU B 459 -24.14 6.77 28.18
CA GLU B 459 -25.19 6.67 29.19
C GLU B 459 -26.44 6.05 28.66
N MET B 460 -27.02 6.61 27.58
CA MET B 460 -28.20 6.05 26.95
C MET B 460 -27.95 4.61 26.42
N SER B 461 -26.79 4.30 25.83
CA SER B 461 -26.65 2.99 25.29
C SER B 461 -26.50 1.94 26.34
N MET B 462 -26.27 2.34 27.59
CA MET B 462 -26.07 1.42 28.70
C MET B 462 -27.40 0.99 29.24
N ARG B 463 -28.32 1.98 29.28
CA ARG B 463 -29.72 1.76 29.65
C ARG B 463 -30.23 0.62 28.77
N LEU B 464 -30.02 0.87 27.47
CA LEU B 464 -30.28 -0.04 26.39
C LEU B 464 -29.47 -1.34 26.42
N LEU B 465 -28.23 -1.45 26.84
CA LEU B 465 -27.56 -2.72 26.95
C LEU B 465 -28.24 -3.45 28.12
N GLY B 466 -28.83 -2.80 29.14
CA GLY B 466 -29.36 -3.47 30.35
C GLY B 466 -28.26 -3.54 31.44
N VAL B 467 -27.40 -2.51 31.55
CA VAL B 467 -26.37 -2.51 32.56
C VAL B 467 -26.39 -1.14 33.25
N THR B 468 -25.81 -1.18 34.48
CA THR B 468 -25.84 0.00 35.34
C THR B 468 -24.55 0.61 35.85
N SER B 469 -23.49 -0.17 35.71
CA SER B 469 -22.21 0.29 36.21
C SER B 469 -21.21 -0.31 35.29
N ILE B 470 -20.11 0.43 35.07
CA ILE B 470 -19.00 -0.03 34.23
C ILE B 470 -18.56 -1.48 34.54
N ALA B 471 -18.53 -1.84 35.82
CA ALA B 471 -18.11 -3.17 36.19
C ALA B 471 -19.09 -4.23 35.73
N GLU B 472 -20.29 -3.79 35.39
CA GLU B 472 -21.28 -4.68 34.85
C GLU B 472 -21.12 -4.96 33.40
N LEU B 473 -20.40 -4.10 32.64
CA LEU B 473 -20.13 -4.37 31.24
C LEU B 473 -19.20 -5.61 31.18
N LYS B 474 -19.45 -6.92 31.09
CA LYS B 474 -18.37 -7.86 30.83
C LYS B 474 -18.43 -8.32 29.36
N PRO B 475 -17.78 -9.30 28.77
CA PRO B 475 -17.86 -9.64 27.35
C PRO B 475 -19.11 -10.36 26.96
N ASP B 476 -19.80 -11.00 27.89
CA ASP B 476 -20.93 -11.77 27.45
C ASP B 476 -22.07 -10.92 26.97
N LEU B 477 -22.00 -9.60 27.16
CA LEU B 477 -22.93 -8.64 26.57
C LEU B 477 -22.65 -8.41 25.03
N LEU B 478 -21.75 -9.20 24.42
CA LEU B 478 -21.22 -9.00 23.11
C LEU B 478 -21.19 -10.23 22.24
N ASP B 479 -21.66 -10.10 21.01
CA ASP B 479 -21.48 -11.13 20.01
C ASP B 479 -20.13 -10.86 19.33
N LEU B 480 -19.09 -11.61 19.65
CA LEU B 480 -17.80 -11.52 18.93
C LEU B 480 -17.77 -12.61 17.85
N SER B 481 -18.82 -13.13 17.14
CA SER B 481 -18.62 -14.26 16.19
C SER B 481 -18.12 -13.88 14.83
N THR B 482 -18.23 -12.62 14.46
CA THR B 482 -17.65 -12.26 13.19
C THR B 482 -16.56 -11.19 13.39
N LEU B 483 -15.85 -11.13 14.54
CA LEU B 483 -14.75 -10.17 14.81
C LEU B 483 -13.59 -10.14 13.84
N LYS B 484 -13.47 -11.33 13.28
CA LYS B 484 -12.45 -11.66 12.30
C LYS B 484 -12.98 -11.66 10.87
N ALA B 485 -14.19 -11.09 10.61
CA ALA B 485 -14.77 -11.07 9.27
C ALA B 485 -14.15 -9.83 8.63
N ARG B 486 -12.84 -9.88 8.40
CA ARG B 486 -12.09 -8.73 7.94
C ARG B 486 -11.93 -9.11 6.46
N THR B 487 -12.77 -8.70 5.53
CA THR B 487 -12.64 -9.32 4.23
C THR B 487 -12.07 -8.41 3.17
N VAL B 488 -11.32 -8.85 2.16
CA VAL B 488 -11.04 -7.96 1.05
C VAL B 488 -11.81 -8.61 -0.12
N GLY B 489 -12.61 -7.89 -0.90
CA GLY B 489 -13.37 -8.59 -1.94
C GLY B 489 -12.62 -8.82 -3.24
N VAL B 490 -13.22 -9.76 -3.95
CA VAL B 490 -12.67 -10.04 -5.26
C VAL B 490 -13.12 -8.89 -6.21
N PRO B 491 -12.25 -8.51 -7.15
CA PRO B 491 -12.51 -7.45 -8.13
C PRO B 491 -13.88 -7.46 -8.84
N ASN B 492 -14.50 -6.30 -8.66
CA ASN B 492 -15.78 -6.04 -9.26
C ASN B 492 -15.68 -6.34 -10.74
N ASP B 493 -16.61 -7.23 -11.15
CA ASP B 493 -16.88 -7.57 -12.54
C ASP B 493 -17.45 -6.34 -13.23
N VAL B 494 -16.57 -5.53 -13.74
CA VAL B 494 -16.90 -4.26 -14.34
C VAL B 494 -17.86 -4.41 -15.50
N LEU B 495 -17.66 -5.33 -16.45
CA LEU B 495 -18.59 -5.39 -17.61
C LEU B 495 -19.97 -5.99 -17.22
N TYR B 496 -20.09 -7.06 -16.44
CA TYR B 496 -21.36 -7.62 -16.03
C TYR B 496 -22.09 -6.58 -15.27
N ASN B 497 -21.33 -5.75 -14.58
CA ASN B 497 -21.97 -4.76 -13.79
C ASN B 497 -22.33 -3.62 -14.69
N GLU B 498 -21.58 -3.22 -15.71
CA GLU B 498 -21.95 -2.04 -16.47
C GLU B 498 -23.18 -2.34 -17.24
N VAL B 499 -23.27 -3.49 -17.91
CA VAL B 499 -24.41 -3.77 -18.75
C VAL B 499 -25.63 -4.17 -17.96
N TYR B 500 -25.48 -4.63 -16.70
CA TYR B 500 -26.62 -5.05 -15.90
C TYR B 500 -27.49 -3.87 -15.54
N GLU B 501 -28.80 -3.93 -15.41
CA GLU B 501 -29.56 -2.77 -14.88
C GLU B 501 -30.71 -3.35 -14.05
N GLY B 502 -31.18 -2.84 -12.90
CA GLY B 502 -32.08 -3.66 -12.09
C GLY B 502 -33.42 -3.00 -11.89
N PRO B 503 -34.23 -3.40 -10.89
CA PRO B 503 -35.63 -2.97 -10.82
C PRO B 503 -35.70 -1.45 -10.77
N THR B 504 -36.84 -0.81 -10.86
CA THR B 504 -36.93 0.63 -10.94
C THR B 504 -38.06 0.83 -9.98
N LEU B 505 -38.29 1.99 -9.38
CA LEU B 505 -39.48 2.02 -8.56
C LEU B 505 -40.52 2.75 -9.39
N THR B 506 -41.75 2.76 -8.95
CA THR B 506 -42.90 3.35 -9.55
C THR B 506 -42.58 4.79 -9.77
N GLU B 507 -43.13 5.24 -10.86
CA GLU B 507 -42.92 6.57 -11.38
C GLU B 507 -44.14 7.36 -10.92
N PHE B 508 -44.10 8.69 -10.84
CA PHE B 508 -45.33 9.44 -10.59
C PHE B 508 -46.04 9.71 -11.93
N GLU B 509 -47.14 10.45 -11.99
CA GLU B 509 -47.70 10.89 -13.24
C GLU B 509 -46.99 12.17 -13.67
N ASP B 510 -46.79 12.48 -14.96
CA ASP B 510 -46.23 13.79 -15.34
C ASP B 510 -47.35 14.84 -15.38
N ALA B 511 -48.47 14.20 -15.57
CA ALA B 511 -49.78 14.71 -15.82
C ALA B 511 -50.30 13.39 -16.39
N1 FMN C . 6.77 -11.03 -18.61
C2 FMN C . 7.81 -11.76 -19.18
O2 FMN C . 8.21 -12.84 -18.74
N3 FMN C . 8.28 -11.19 -20.30
C4 FMN C . 7.76 -10.05 -20.84
O4 FMN C . 8.31 -9.62 -21.86
C4A FMN C . 6.67 -9.46 -20.14
N5 FMN C . 6.10 -8.40 -20.78
C5A FMN C . 5.26 -7.58 -20.05
C6 FMN C . 4.67 -6.54 -20.67
C7 FMN C . 4.05 -5.63 -19.88
C7M FMN C . 3.75 -4.30 -20.51
C8 FMN C . 3.83 -5.87 -18.52
C8M FMN C . 2.90 -5.13 -17.62
C9 FMN C . 4.27 -6.96 -17.96
C9A FMN C . 5.03 -7.81 -18.70
N10 FMN C . 5.55 -8.93 -18.08
C10 FMN C . 6.32 -9.79 -18.88
C1' FMN C . 5.07 -9.23 -16.83
C2' FMN C . 6.12 -9.49 -15.75
O2' FMN C . 7.39 -9.02 -15.87
C3' FMN C . 5.84 -9.15 -14.39
O3' FMN C . 5.48 -10.32 -13.74
C4' FMN C . 5.16 -7.92 -13.93
O4' FMN C . 4.46 -7.23 -14.88
C5' FMN C . 4.43 -8.16 -12.65
O5' FMN C . 3.23 -7.46 -12.54
P FMN C . 3.01 -5.98 -12.08
O1P FMN C . 3.29 -5.25 -13.37
O2P FMN C . 4.07 -5.79 -11.05
O3P FMN C . 1.62 -5.96 -11.56
HN3 FMN C . 8.98 -11.70 -20.82
HO2' FMN C . 7.45 -8.72 -16.78
HO3' FMN C . 5.99 -11.03 -14.15
HO4' FMN C . 5.07 -6.97 -15.57
CHA HEM D . 6.21 -6.49 -31.70
CHB HEM D . 9.75 -8.88 -33.96
CHC HEM D . 8.11 -7.23 -38.09
CHD HEM D . 5.35 -4.14 -35.75
C1A HEM D . 7.32 -7.31 -31.95
C2A HEM D . 8.16 -8.00 -30.95
C3A HEM D . 9.03 -8.77 -31.62
C4A HEM D . 8.86 -8.47 -33.00
CMA HEM D . 9.93 -9.87 -31.05
CAA HEM D . 7.43 -7.54 -29.52
CBA HEM D . 5.98 -8.01 -29.21
CGA HEM D . 5.20 -7.43 -28.02
O1A HEM D . 4.61 -8.21 -27.26
O2A HEM D . 5.19 -6.22 -27.86
C1B HEM D . 9.64 -8.54 -35.26
C2B HEM D . 10.44 -9.14 -36.29
C3B HEM D . 9.90 -8.78 -37.46
C4B HEM D . 8.79 -7.91 -37.15
CMB HEM D . 11.67 -9.99 -36.10
CAB HEM D . 10.27 -9.23 -38.72
CBB HEM D . 10.81 -8.37 -39.75
C1C HEM D . 7.23 -6.26 -37.82
C2C HEM D . 6.70 -5.41 -38.83
C3C HEM D . 5.93 -4.49 -38.19
C4C HEM D . 6.03 -4.80 -36.77
CMC HEM D . 6.97 -5.53 -40.32
CAC HEM D . 5.15 -3.52 -38.78
CBC HEM D . 3.74 -3.76 -38.98
C1D HEM D . 5.34 -4.50 -34.44
C2D HEM D . 4.57 -3.83 -33.43
C3D HEM D . 4.64 -4.60 -32.31
C4D HEM D . 5.58 -5.68 -32.62
CMD HEM D . 3.94 -2.45 -33.59
CAD HEM D . 3.89 -4.34 -31.01
CBD HEM D . 2.35 -4.46 -31.04
CGD HEM D . 1.65 -3.45 -30.13
O1D HEM D . 1.42 -2.31 -30.57
O2D HEM D . 1.34 -3.73 -28.97
NA HEM D . 7.81 -7.56 -33.21
NB HEM D . 8.63 -7.77 -35.79
NC HEM D . 6.83 -5.89 -36.56
ND HEM D . 5.99 -5.58 -33.92
FE HEM D . 7.28 -6.68 -34.85
HHB HEM D . 10.58 -9.51 -33.66
HHC HEM D . 8.26 -7.49 -39.14
HHD HEM D . 4.75 -3.28 -36.05
HHA HEM D . 5.81 -6.50 -30.68
C PYR E . 2.76 -8.50 -24.17
O PYR E . 1.70 -7.88 -24.03
OXT PYR E . 3.36 -8.46 -25.25
CA PYR E . 3.19 -9.39 -23.14
O3 PYR E . 2.51 -9.54 -22.09
CB PYR E . 4.41 -10.32 -23.35
N1 FMN F . 0.38 10.79 20.10
C2 FMN F . 1.41 10.93 20.93
O2 FMN F . 1.76 9.99 21.62
N3 FMN F . 2.01 12.17 20.88
C4 FMN F . 1.65 13.19 20.03
O4 FMN F . 2.11 14.30 20.27
C4A FMN F . 0.67 12.81 19.03
N5 FMN F . 0.35 13.78 18.10
C5A FMN F . -0.83 13.57 17.41
C6 FMN F . -1.24 14.50 16.51
C7 FMN F . -2.40 14.35 15.83
C7M FMN F . -2.92 15.54 15.05
C8 FMN F . -3.15 13.18 15.98
C8M FMN F . -4.36 12.76 15.12
C9 FMN F . -2.73 12.27 16.86
C9A FMN F . -1.60 12.47 17.61
N10 FMN F . -1.25 11.50 18.52
C10 FMN F . -0.07 11.65 19.14
C1' FMN F . -1.91 10.32 18.60
C2' FMN F . -2.59 10.03 19.96
O2' FMN F . -3.01 11.13 20.76
C3' FMN F . -3.71 9.06 19.73
O3' FMN F . -3.14 7.94 19.08
C4' FMN F . -4.99 9.50 19.02
O4' FMN F . -4.91 10.43 17.97
C5' FMN F . -5.80 8.25 18.68
O5' FMN F . -6.46 8.25 17.47
P FMN F . -7.92 8.75 17.15
O1P FMN F . -8.19 7.98 15.93
O2P FMN F . -7.83 10.23 16.95
O3P FMN F . -8.71 8.25 18.30
HN3 FMN F . 2.74 12.36 21.56
HO2' FMN F . -2.22 11.67 20.86
HO3' FMN F . -3.67 7.18 19.29
HO4' FMN F . -4.37 11.17 18.30
C PYR G . 1.93 12.93 15.39
O PYR G . 1.25 11.90 15.27
OXT PYR G . 1.99 13.74 14.46
CA PYR G . 2.81 13.11 16.50
O3 PYR G . 2.88 12.19 17.35
CB PYR G . 3.86 14.21 16.62
#